data_6W5U
#
_entry.id   6W5U
#
_cell.length_a   1.00
_cell.length_b   1.00
_cell.length_c   1.00
_cell.angle_alpha   90.00
_cell.angle_beta   90.00
_cell.angle_gamma   90.00
#
_symmetry.space_group_name_H-M   'P 1'
#
loop_
_entity.id
_entity.type
_entity.pdbx_description
1 polymer 'NPC intracellular cholesterol transporter 1'
2 branched 2-acetamido-2-deoxy-beta-D-glucopyranose-(1-4)-2-acetamido-2-deoxy-beta-D-glucopyranose
3 branched beta-D-mannopyranose-(1-3)-2-acetamido-2-deoxy-beta-D-glucopyranose-(1-4)-2-acetamido-2-deoxy-beta-D-glucopyranose
4 branched beta-D-mannopyranose-(1-4)-2-acetamido-2-deoxy-beta-D-glucopyranose-(1-4)-2-acetamido-2-deoxy-beta-D-glucopyranose
5 non-polymer 2-acetamido-2-deoxy-beta-D-glucopyranose
6 non-polymer CHOLESTEROL
#
_entity_poly.entity_id   1
_entity_poly.type   'polypeptide(L)'
_entity_poly.pdbx_seq_one_letter_code
;MTARGLALGLLLLLLCPAQVFSQSCVWYGECGIAYGDKRYNCEYSGPPKPLPKDGYDLVQELCPGFFFGNVSLCCDVRQL
QTLKDNLQLPLQFLSRCPSCFYNLLNLFCELTCSPRQSQFLNVTATEDYVDPVTNQTKTNVKELQYYVGQSFANAMYNAC
RDVEAPSSNDKALGLLCGKDADACNATNWIEYMFNKDNGQAPFTITPVFSDFPVHGMEPMNNATKGCDESVDEVTAPCSC
QDCSIVCGPKPQPPPPPAPWTILGLDAMYVIMWITYMAFLLVFFGAFFAVWCYRKRYFVSEYTPIDSNIAFSVNASDKGE
ASCCDPVSAAFEGCLRRLFTRWGSFCVRNPGCVIFFSLVFITACSSGLVFVRVTTNPVDLWSAPSSQARLEKEYFDQHFG
PFFRTEQLIIRAPLTDKHIYQPYPSGADVPFGPPLDIQILHQVLDLQIAIENITASYDNETVTLQDICLAPLSPYNTNCT
ILSVLNYFQNSHSVLDHKKGDDFFVYADYHTHFLYCVRAPASLNDTSLLHDPCLGTFGGPVFPWLVLGGYDDQNYNNATA
LVITFPVNNYYNDTEKLQRAQAWEKEFINFVKNYKNPNLTISFTAERSIEDELNRESDSDVFTVVISYAIMFLYISLALG
HMKSCRRLLVDSKVSLGIAGILIVLSSVACSLGVFSYIGLPLTLIVIEVIPFLVLAVGVDNIFILVQAYQRDERLQGETL
DQQLGRVLGEVAPSMFLSSFSETVAFFLGALSVMPAVHTFSLFAGLAVFIDFLLQITCFVSLLGLDIKRQEKNRLDIFCC
VRGAEDGTSVQASESCLFRFFKNSYSPLLLKDWMRPIVIAIFVGVLSFSIAVLNKVDIGLDQSLSMPDDSYMVDYFKSIS
QYLHAGPPVYFVLEEGHDYTSSKGQNMVCGGMGCNNDSLVQQIFNAAQLDNYTRIGFAPSSWIDDYFDWVKPQSSCCRVD
NITDQFCNASVVDPACVRCRPLTPEGKQRPQGGDFMRFLPMFLSDNPNPKCGKGGHAAYSSAVNILLGHGTRVGATYFMT
YHTVLQTSADFIDALKKARLIASNVTETMGINGSAYRVFPYSVFYVFYEQYLTIIDDTIFNLGVSLGAIFLVTMVLLGCE
LWSAVIMCATIAMVLVNMFGVMWLWGISLNAVSLVNLVMSCGISVEFCSHITRAFTVSMKGSRVERAEEALAHMGSSVFS
GITLTKFGGIVVLAFAKSQIFQIFYFRMYLAMVLLGATHGLIFLPVLLSYIGPSVNKAKSCATEERYKGTERERLLNFLE
GSDEVDAGSHHHHHHHHHHGSVEDYKDDDDK
;
_entity_poly.pdbx_strand_id   A
#
# COMPACT_ATOMS: atom_id res chain seq x y z
N GLN A 23 8.29 66.54 13.47
CA GLN A 23 7.12 65.69 13.23
C GLN A 23 6.09 66.38 12.33
N SER A 24 6.26 66.29 11.01
CA SER A 24 5.33 66.92 10.10
C SER A 24 4.48 65.86 9.42
N CYS A 25 3.45 66.32 8.72
CA CYS A 25 2.52 65.43 8.02
C CYS A 25 2.84 65.39 6.53
N VAL A 26 2.26 64.40 5.85
CA VAL A 26 2.34 64.33 4.40
C VAL A 26 0.91 64.38 3.93
N TRP A 27 -0.02 63.99 4.80
CA TRP A 27 -1.43 64.04 4.45
C TRP A 27 -2.28 64.07 5.70
N TYR A 28 -3.58 63.94 5.47
CA TYR A 28 -4.76 63.80 6.31
C TYR A 28 -5.91 63.59 5.35
N GLY A 29 -6.83 62.69 5.66
CA GLY A 29 -7.89 62.47 4.71
C GLY A 29 -7.41 61.60 3.57
N GLU A 30 -8.35 61.30 2.69
CA GLU A 30 -8.09 60.48 1.51
C GLU A 30 -8.78 61.16 0.35
N CYS A 31 -8.41 60.79 -0.86
CA CYS A 31 -9.01 61.41 -2.04
C CYS A 31 -9.92 60.40 -2.75
N GLY A 32 -10.43 60.80 -3.91
CA GLY A 32 -11.25 59.92 -4.70
C GLY A 32 -10.54 58.66 -5.18
N ILE A 33 -11.33 57.85 -5.87
CA ILE A 33 -10.88 56.59 -6.44
C ILE A 33 -9.81 56.77 -7.50
N ALA A 34 -8.77 55.95 -7.40
CA ALA A 34 -7.67 55.87 -8.36
C ALA A 34 -8.03 54.85 -9.42
N TYR A 35 -8.28 53.62 -9.02
CA TYR A 35 -8.69 52.54 -9.92
C TYR A 35 -9.11 51.37 -9.03
N GLY A 36 -10.07 50.59 -9.53
CA GLY A 36 -10.68 49.54 -8.76
C GLY A 36 -11.37 50.20 -7.58
N ASP A 37 -10.82 50.04 -6.38
CA ASP A 37 -11.34 50.74 -5.21
C ASP A 37 -10.27 51.69 -4.68
N LYS A 38 -9.06 51.56 -5.20
CA LYS A 38 -7.90 52.36 -4.85
C LYS A 38 -8.13 53.85 -5.05
N ARG A 39 -7.86 54.61 -3.99
CA ARG A 39 -8.01 56.06 -3.93
C ARG A 39 -6.68 56.66 -3.48
N TYR A 40 -6.20 57.67 -4.21
CA TYR A 40 -4.97 58.30 -3.77
C TYR A 40 -5.23 59.14 -2.54
N ASN A 41 -4.37 58.96 -1.53
CA ASN A 41 -4.48 59.73 -0.31
C ASN A 41 -4.34 61.20 -0.65
N CYS A 42 -5.08 62.04 0.08
CA CYS A 42 -5.05 63.47 -0.17
C CYS A 42 -3.77 63.94 0.51
N GLU A 43 -3.10 64.92 -0.09
CA GLU A 43 -1.84 65.42 0.44
C GLU A 43 -2.01 66.61 1.39
N TYR A 44 -1.37 66.51 2.54
CA TYR A 44 -1.41 67.57 3.55
C TYR A 44 -0.28 67.34 4.55
N SER A 45 0.75 68.18 4.50
CA SER A 45 1.89 68.05 5.40
C SER A 45 1.87 69.10 6.51
N GLY A 46 0.84 69.05 7.34
CA GLY A 46 0.73 69.99 8.45
C GLY A 46 1.05 69.29 9.76
N PRO A 47 0.56 69.85 10.88
CA PRO A 47 0.83 69.21 12.17
C PRO A 47 -0.08 68.02 12.39
N PRO A 48 0.19 67.20 13.39
CA PRO A 48 -0.63 66.00 13.63
C PRO A 48 -2.00 66.31 14.20
N LYS A 49 -2.80 65.26 14.39
CA LYS A 49 -4.17 65.35 14.87
C LYS A 49 -4.53 64.05 15.58
N PRO A 50 -4.90 64.10 16.85
CA PRO A 50 -5.33 62.88 17.54
C PRO A 50 -6.44 62.11 16.84
N LEU A 51 -6.23 60.82 16.64
CA LEU A 51 -7.15 60.00 15.86
C LEU A 51 -8.50 59.90 16.58
N PRO A 52 -9.59 59.83 15.84
CA PRO A 52 -10.89 59.88 16.49
C PRO A 52 -11.16 58.57 17.23
N LYS A 53 -12.01 58.67 18.25
CA LYS A 53 -12.38 57.51 19.03
C LYS A 53 -13.04 56.41 18.21
N ASP A 54 -13.21 56.70 16.92
CA ASP A 54 -13.88 55.83 15.98
C ASP A 54 -13.07 54.64 15.50
N GLY A 55 -11.80 54.85 15.15
CA GLY A 55 -11.07 53.71 14.64
C GLY A 55 -9.95 53.26 15.54
N TYR A 56 -10.23 53.22 16.85
CA TYR A 56 -9.24 52.81 17.83
C TYR A 56 -8.82 51.39 17.55
N ASP A 57 -9.74 50.71 17.04
CA ASP A 57 -9.81 49.29 16.68
C ASP A 57 -8.78 48.93 15.59
N LEU A 58 -8.68 49.76 14.54
CA LEU A 58 -7.66 49.56 13.52
C LEU A 58 -6.27 49.84 14.07
N VAL A 59 -6.06 51.04 14.62
CA VAL A 59 -4.74 51.37 15.13
C VAL A 59 -4.19 50.28 16.03
N GLN A 60 -4.90 49.98 17.13
CA GLN A 60 -4.54 48.84 17.95
C GLN A 60 -4.16 47.64 17.10
N GLU A 61 -5.08 47.23 16.22
CA GLU A 61 -4.86 46.07 15.35
C GLU A 61 -3.77 46.19 14.29
N LEU A 62 -3.69 47.33 13.61
CA LEU A 62 -2.66 47.51 12.57
C LEU A 62 -1.28 47.51 13.22
N CYS A 63 -0.96 48.54 13.97
CA CYS A 63 0.30 48.58 14.73
C CYS A 63 0.07 49.44 15.97
N PRO A 64 -0.15 48.80 17.11
CA PRO A 64 -0.42 49.59 18.32
C PRO A 64 0.77 50.42 18.74
N GLY A 65 1.89 50.35 18.02
CA GLY A 65 3.02 51.17 18.41
C GLY A 65 2.70 52.64 18.32
N PHE A 66 1.57 52.97 17.72
CA PHE A 66 1.11 54.34 17.57
C PHE A 66 0.08 54.65 18.63
N PHE A 67 -0.44 53.60 19.27
CA PHE A 67 -1.58 53.70 20.19
C PHE A 67 -1.12 54.08 21.60
N PHE A 68 -0.95 55.38 21.81
CA PHE A 68 -0.79 55.91 23.16
C PHE A 68 -1.56 57.22 23.28
N GLY A 69 -2.08 57.48 24.47
CA GLY A 69 -2.65 58.77 24.86
C GLY A 69 -3.53 59.41 23.80
N ASN A 70 -3.35 60.73 23.65
CA ASN A 70 -3.42 61.34 22.33
C ASN A 70 -2.71 60.49 21.30
N VAL A 71 -3.46 60.02 20.31
CA VAL A 71 -2.96 59.14 19.27
C VAL A 71 -2.65 59.99 18.03
N SER A 72 -2.37 61.27 18.25
CA SER A 72 -2.07 62.19 17.17
C SER A 72 -1.30 61.52 16.05
N LEU A 73 -1.92 61.45 14.88
CA LEU A 73 -1.29 60.83 13.72
C LEU A 73 -1.83 61.45 12.45
N CYS A 74 -0.91 61.72 11.53
CA CYS A 74 -1.25 62.22 10.20
C CYS A 74 -1.99 61.11 9.45
N CYS A 75 -3.21 60.82 9.91
CA CYS A 75 -3.78 59.55 9.49
C CYS A 75 -5.31 59.67 9.50
N ASP A 76 -5.97 58.75 8.81
CA ASP A 76 -7.43 58.72 8.74
C ASP A 76 -7.90 57.29 8.97
N VAL A 77 -9.01 57.13 9.67
CA VAL A 77 -9.53 55.79 9.95
C VAL A 77 -9.89 55.06 8.67
N ARG A 78 -10.31 55.78 7.63
CA ARG A 78 -10.56 55.12 6.35
C ARG A 78 -9.25 54.68 5.71
N GLN A 79 -8.14 55.27 6.14
CA GLN A 79 -6.84 54.83 5.64
C GLN A 79 -6.44 53.58 6.38
N LEU A 80 -6.74 53.53 7.67
CA LEU A 80 -6.42 52.36 8.45
C LEU A 80 -7.20 51.17 7.95
N GLN A 81 -8.48 51.37 7.66
CA GLN A 81 -9.30 50.25 7.24
C GLN A 81 -9.00 49.84 5.80
N THR A 82 -8.45 50.75 4.98
CA THR A 82 -8.09 50.28 3.66
C THR A 82 -6.72 49.61 3.67
N LEU A 83 -5.87 49.98 4.61
CA LEU A 83 -4.65 49.21 4.80
C LEU A 83 -4.97 47.82 5.29
N LYS A 84 -5.83 47.86 6.37
CA LYS A 84 -6.15 46.58 7.00
C LYS A 84 -6.82 45.66 6.01
N ASP A 85 -7.71 46.24 5.22
CA ASP A 85 -8.42 45.51 4.17
C ASP A 85 -7.53 44.99 3.00
N ASN A 86 -6.61 45.84 2.51
CA ASN A 86 -5.71 45.47 1.44
C ASN A 86 -4.64 44.48 1.88
N LEU A 87 -4.38 44.37 3.18
CA LEU A 87 -3.25 43.58 3.64
C LEU A 87 -3.57 42.11 3.87
N GLN A 88 -4.68 41.61 3.31
CA GLN A 88 -5.15 40.24 3.54
C GLN A 88 -4.27 39.04 3.09
N LEU A 89 -3.73 39.08 1.89
CA LEU A 89 -2.82 38.02 1.44
C LEU A 89 -1.53 37.99 2.23
N PRO A 90 -0.75 39.07 2.29
CA PRO A 90 0.43 39.05 3.15
C PRO A 90 0.13 38.48 4.51
N LEU A 91 -1.01 38.83 5.08
CA LEU A 91 -1.42 38.20 6.32
C LEU A 91 -1.55 36.69 6.16
N GLN A 92 -2.08 36.24 5.04
CA GLN A 92 -2.25 34.81 4.77
C GLN A 92 -0.95 34.02 4.69
N PHE A 93 0.07 34.58 4.05
CA PHE A 93 1.34 33.91 3.88
C PHE A 93 2.34 34.19 5.00
N LEU A 94 2.08 35.15 5.88
CA LEU A 94 3.07 35.46 6.90
C LEU A 94 2.52 35.45 8.31
N SER A 95 1.28 35.07 8.51
CA SER A 95 0.71 35.09 9.84
C SER A 95 1.51 34.19 10.76
N ARG A 96 2.21 33.19 10.19
CA ARG A 96 2.97 32.19 10.99
C ARG A 96 4.09 32.74 11.88
N CYS A 97 4.95 33.59 11.34
CA CYS A 97 5.90 34.29 12.19
C CYS A 97 5.47 35.72 12.44
N PRO A 98 4.86 35.98 13.61
CA PRO A 98 4.72 37.35 14.06
C PRO A 98 5.98 38.14 13.87
N SER A 99 7.14 37.49 13.86
CA SER A 99 8.39 38.23 13.66
C SER A 99 8.32 39.02 12.36
N CYS A 100 8.29 38.33 11.22
CA CYS A 100 8.30 39.04 9.95
C CYS A 100 7.01 39.80 9.74
N PHE A 101 5.89 39.21 10.16
CA PHE A 101 4.66 39.94 9.94
C PHE A 101 4.71 41.30 10.62
N TYR A 102 5.17 41.33 11.88
CA TYR A 102 5.22 42.56 12.65
C TYR A 102 6.25 43.52 12.09
N ASN A 103 7.46 43.16 11.46
CA ASN A 103 8.29 44.21 10.88
C ASN A 103 7.64 44.77 9.62
N LEU A 104 7.06 43.90 8.81
CA LEU A 104 6.40 44.39 7.61
C LEU A 104 5.30 45.39 7.97
N LEU A 105 4.60 45.11 9.06
CA LEU A 105 3.54 45.98 9.53
C LEU A 105 4.12 47.28 10.05
N ASN A 106 5.24 47.17 10.74
CA ASN A 106 5.92 48.33 11.30
C ASN A 106 6.36 49.25 10.17
N LEU A 107 6.49 48.68 8.98
CA LEU A 107 6.89 49.44 7.82
C LEU A 107 5.69 50.09 7.20
N PHE A 108 4.62 49.36 6.99
CA PHE A 108 3.52 50.07 6.38
C PHE A 108 2.89 51.12 7.29
N CYS A 109 2.56 50.78 8.54
CA CYS A 109 1.96 51.80 9.42
C CYS A 109 2.84 53.05 9.55
N GLU A 110 4.14 52.88 9.83
CA GLU A 110 4.96 54.07 9.94
C GLU A 110 5.01 54.81 8.62
N LEU A 111 5.16 54.07 7.52
CA LEU A 111 5.19 54.60 6.17
C LEU A 111 3.96 55.41 5.84
N THR A 112 2.84 54.99 6.42
CA THR A 112 1.55 55.61 6.12
C THR A 112 1.14 56.79 6.98
N CYS A 113 1.26 56.68 8.30
CA CYS A 113 0.81 57.79 9.12
C CYS A 113 1.59 57.89 10.42
N SER A 114 2.90 57.62 10.36
CA SER A 114 3.78 57.91 11.48
C SER A 114 3.82 59.42 11.65
N PRO A 115 4.14 59.91 12.83
CA PRO A 115 4.12 61.36 13.08
C PRO A 115 5.30 62.17 12.52
N ARG A 116 6.36 61.53 12.06
CA ARG A 116 7.53 62.21 11.52
C ARG A 116 7.74 61.92 10.05
N GLN A 117 6.61 61.91 9.32
CA GLN A 117 6.59 61.48 7.93
C GLN A 117 7.53 62.31 7.06
N SER A 118 7.78 63.57 7.42
CA SER A 118 8.58 64.37 6.51
C SER A 118 10.06 64.02 6.57
N GLN A 119 10.53 63.41 7.67
CA GLN A 119 11.93 63.05 7.77
C GLN A 119 12.33 61.99 6.75
N PHE A 120 11.44 61.06 6.45
CA PHE A 120 11.71 59.91 5.61
C PHE A 120 10.76 59.75 4.42
N LEU A 121 10.24 60.83 3.86
CA LEU A 121 9.31 60.78 2.74
C LEU A 121 9.46 62.05 1.92
N ASN A 122 9.31 61.91 0.60
CA ASN A 122 9.43 63.05 -0.30
C ASN A 122 8.49 62.92 -1.50
N VAL A 123 7.36 63.60 -1.43
CA VAL A 123 6.38 63.57 -2.51
C VAL A 123 6.91 64.28 -3.73
N THR A 124 6.89 63.59 -4.87
CA THR A 124 7.39 64.15 -6.12
C THR A 124 6.25 64.43 -7.11
N ALA A 125 5.36 63.46 -7.27
CA ALA A 125 4.24 63.61 -8.20
C ALA A 125 2.92 63.79 -7.47
N THR A 126 2.04 64.60 -8.05
CA THR A 126 0.73 64.86 -7.48
C THR A 126 -0.11 65.56 -8.54
N GLU A 127 -1.43 65.39 -8.49
CA GLU A 127 -2.30 66.00 -9.49
C GLU A 127 -3.62 66.36 -8.84
N ASP A 128 -4.30 67.30 -9.50
CA ASP A 128 -5.55 67.86 -9.00
C ASP A 128 -6.65 66.81 -8.86
N TYR A 129 -7.51 67.00 -7.86
CA TYR A 129 -8.68 66.16 -7.64
C TYR A 129 -9.90 67.06 -7.63
N VAL A 130 -11.00 66.57 -8.20
CA VAL A 130 -12.26 67.30 -8.26
C VAL A 130 -13.24 66.70 -7.28
N ASP A 131 -13.93 67.54 -6.53
CA ASP A 131 -14.93 67.02 -5.62
C ASP A 131 -16.28 67.06 -6.34
N PRO A 132 -16.95 65.91 -6.55
CA PRO A 132 -18.33 65.93 -7.03
C PRO A 132 -19.36 66.38 -6.02
N VAL A 133 -18.92 66.88 -4.86
CA VAL A 133 -19.81 67.26 -3.78
C VAL A 133 -19.79 68.78 -3.57
N THR A 134 -18.64 69.41 -3.77
CA THR A 134 -18.47 70.81 -3.48
C THR A 134 -17.73 71.57 -4.58
N ASN A 135 -17.34 70.90 -5.66
CA ASN A 135 -16.53 71.46 -6.75
C ASN A 135 -15.15 71.95 -6.33
N GLN A 136 -14.59 71.50 -5.21
CA GLN A 136 -13.29 72.06 -4.86
C GLN A 136 -12.21 71.08 -5.29
N THR A 137 -11.29 71.59 -6.11
CA THR A 137 -10.17 70.84 -6.68
C THR A 137 -9.05 70.59 -5.68
N LYS A 138 -8.77 69.32 -5.41
CA LYS A 138 -7.66 68.99 -4.52
C LYS A 138 -6.55 68.39 -5.39
N THR A 139 -5.49 67.88 -4.77
CA THR A 139 -4.34 67.35 -5.50
C THR A 139 -4.01 65.93 -5.02
N ASN A 140 -4.17 64.95 -5.91
CA ASN A 140 -3.87 63.56 -5.58
C ASN A 140 -2.37 63.38 -5.63
N VAL A 141 -1.86 62.40 -4.87
CA VAL A 141 -0.43 62.11 -4.86
C VAL A 141 -0.15 60.97 -5.82
N LYS A 142 0.22 61.31 -7.06
CA LYS A 142 0.57 60.35 -8.10
C LYS A 142 1.90 59.63 -7.85
N GLU A 143 2.94 60.38 -7.51
CA GLU A 143 4.25 59.77 -7.27
C GLU A 143 4.98 60.43 -6.12
N LEU A 144 5.86 59.66 -5.47
CA LEU A 144 6.64 60.15 -4.35
C LEU A 144 7.82 59.23 -4.09
N GLN A 145 8.84 59.76 -3.41
CA GLN A 145 10.03 58.99 -3.09
C GLN A 145 10.03 58.59 -1.62
N TYR A 146 10.24 57.31 -1.37
CA TYR A 146 10.26 56.79 0.01
C TYR A 146 11.68 56.51 0.48
N TYR A 147 12.06 57.10 1.61
CA TYR A 147 13.39 56.91 2.16
C TYR A 147 13.31 55.84 3.24
N VAL A 148 13.91 54.67 2.97
CA VAL A 148 13.88 53.56 3.90
C VAL A 148 15.28 53.22 4.38
N GLY A 149 15.42 52.99 5.70
CA GLY A 149 16.71 52.61 6.23
C GLY A 149 17.10 51.25 5.69
N GLN A 150 18.40 50.99 5.63
CA GLN A 150 18.91 49.71 5.15
C GLN A 150 18.87 48.62 6.21
N SER A 151 19.13 48.96 7.47
CA SER A 151 19.07 47.98 8.54
C SER A 151 17.67 47.47 8.79
N PHE A 152 16.66 48.14 8.26
CA PHE A 152 15.31 47.64 8.47
C PHE A 152 14.96 46.59 7.44
N ALA A 153 15.28 46.86 6.18
CA ALA A 153 14.98 45.88 5.17
C ALA A 153 15.85 44.66 5.39
N ASN A 154 17.08 44.88 5.86
CA ASN A 154 17.96 43.77 6.14
C ASN A 154 17.46 42.89 7.28
N ALA A 155 17.02 43.50 8.39
CA ALA A 155 16.53 42.66 9.49
C ALA A 155 15.19 42.00 9.18
N MET A 156 14.37 42.63 8.34
CA MET A 156 13.07 42.04 8.04
C MET A 156 13.22 40.88 7.05
N TYR A 157 13.77 41.17 5.87
CA TYR A 157 13.90 40.10 4.92
C TYR A 157 14.75 38.98 5.51
N ASN A 158 15.83 39.30 6.22
CA ASN A 158 16.65 38.20 6.71
C ASN A 158 15.98 37.42 7.85
N ALA A 159 15.08 38.03 8.63
CA ALA A 159 14.54 37.15 9.65
C ALA A 159 13.31 36.37 9.22
N CYS A 160 12.60 36.80 8.19
CA CYS A 160 11.42 36.05 7.75
C CYS A 160 11.64 35.34 6.42
N ARG A 161 12.79 35.58 5.78
CA ARG A 161 13.13 35.10 4.45
C ARG A 161 13.13 33.58 4.32
N ASP A 162 13.17 32.85 5.42
CA ASP A 162 13.28 31.40 5.26
C ASP A 162 11.92 30.72 5.26
N VAL A 163 10.86 31.45 5.59
CA VAL A 163 9.52 30.88 5.66
C VAL A 163 9.08 30.45 4.27
N GLU A 164 8.74 29.17 4.15
CA GLU A 164 8.22 28.54 2.95
C GLU A 164 6.71 28.82 2.86
N ALA A 165 6.16 28.71 1.68
CA ALA A 165 4.76 29.02 1.89
C ALA A 165 3.95 27.79 2.28
N PRO A 166 2.81 28.32 3.03
CA PRO A 166 2.03 27.17 3.51
C PRO A 166 1.42 26.39 2.36
N SER A 167 0.94 25.18 2.66
CA SER A 167 0.22 24.43 1.65
C SER A 167 1.09 24.27 0.43
N SER A 168 2.39 24.32 0.65
CA SER A 168 3.37 24.14 -0.42
C SER A 168 4.80 24.17 0.13
N ASN A 169 5.76 23.70 -0.65
CA ASN A 169 7.16 23.78 -0.21
C ASN A 169 7.90 24.97 -0.82
N ASP A 170 7.14 25.96 -1.28
CA ASP A 170 7.70 27.11 -2.00
C ASP A 170 8.81 27.96 -1.40
N LYS A 171 8.43 28.83 -0.38
CA LYS A 171 9.43 29.82 -0.03
C LYS A 171 8.26 30.80 -0.04
N ALA A 172 7.72 31.17 1.12
CA ALA A 172 6.55 32.03 1.08
C ALA A 172 6.91 33.36 0.42
N LEU A 173 8.21 33.67 0.41
CA LEU A 173 8.67 34.86 -0.27
C LEU A 173 8.56 34.67 -1.78
N GLY A 174 8.57 33.42 -2.23
CA GLY A 174 8.34 33.16 -3.65
C GLY A 174 7.01 33.70 -4.12
N LEU A 175 6.06 33.84 -3.20
CA LEU A 175 4.75 34.34 -3.57
C LEU A 175 4.55 35.83 -3.30
N LEU A 176 4.83 36.25 -2.08
CA LEU A 176 4.66 37.64 -1.68
C LEU A 176 5.69 38.62 -2.25
N CYS A 177 6.46 38.15 -3.23
CA CYS A 177 7.46 38.97 -3.90
C CYS A 177 7.18 39.13 -5.38
N GLY A 178 6.23 38.39 -5.92
CA GLY A 178 5.99 38.39 -7.35
C GLY A 178 7.09 37.73 -8.15
N LYS A 179 8.19 37.37 -7.53
CA LYS A 179 9.30 36.78 -8.27
C LYS A 179 10.01 35.77 -7.37
N ASP A 180 10.48 34.71 -8.01
CA ASP A 180 10.92 33.49 -7.36
C ASP A 180 12.01 33.77 -6.33
N ALA A 181 12.31 32.72 -5.53
CA ALA A 181 13.31 32.83 -4.48
C ALA A 181 14.58 33.49 -4.99
N ASP A 182 15.05 33.03 -6.14
CA ASP A 182 16.23 33.60 -6.75
C ASP A 182 15.90 34.84 -7.60
N ALA A 183 14.61 35.13 -7.76
CA ALA A 183 14.20 36.25 -8.60
C ALA A 183 14.30 37.60 -7.90
N CYS A 184 14.13 37.66 -6.58
CA CYS A 184 14.19 38.96 -5.94
C CYS A 184 15.15 39.00 -4.76
N ASN A 185 15.65 40.19 -4.46
CA ASN A 185 16.53 40.30 -3.32
C ASN A 185 15.68 40.96 -2.24
N ALA A 186 16.24 41.82 -1.42
CA ALA A 186 15.40 42.43 -0.39
C ALA A 186 15.00 43.84 -0.78
N THR A 187 15.78 44.42 -1.70
CA THR A 187 15.53 45.77 -2.18
C THR A 187 14.52 45.74 -3.32
N ASN A 188 14.69 44.78 -4.22
CA ASN A 188 13.79 44.64 -5.36
C ASN A 188 12.42 44.24 -4.87
N TRP A 189 12.35 43.37 -3.87
CA TRP A 189 11.04 42.89 -3.43
C TRP A 189 10.21 44.03 -2.86
N ILE A 190 10.84 44.90 -2.07
CA ILE A 190 10.10 46.05 -1.53
C ILE A 190 9.71 46.99 -2.65
N GLU A 191 10.59 47.16 -3.64
CA GLU A 191 10.24 48.04 -4.74
C GLU A 191 9.04 47.48 -5.51
N TYR A 192 9.01 46.17 -5.70
CA TYR A 192 7.91 45.55 -6.44
C TYR A 192 6.63 45.57 -5.62
N MET A 193 6.75 45.42 -4.31
CA MET A 193 5.56 45.45 -3.49
C MET A 193 4.94 46.82 -3.52
N PHE A 194 5.74 47.88 -3.42
CA PHE A 194 5.21 49.23 -3.50
C PHE A 194 4.88 49.67 -4.92
N ASN A 195 5.33 48.96 -5.95
CA ASN A 195 5.03 49.43 -7.28
C ASN A 195 3.62 49.00 -7.65
N LYS A 196 2.80 49.95 -8.12
CA LYS A 196 1.46 49.61 -8.58
C LYS A 196 1.48 48.89 -9.91
N ASP A 197 2.64 48.73 -10.54
CA ASP A 197 2.66 48.04 -11.83
C ASP A 197 2.29 46.58 -11.67
N ASN A 198 2.34 46.07 -10.45
CA ASN A 198 1.98 44.71 -10.11
C ASN A 198 0.47 44.52 -10.03
N GLY A 199 -0.26 45.54 -9.59
CA GLY A 199 -1.69 45.46 -9.46
C GLY A 199 -2.19 45.54 -8.04
N GLN A 200 -1.30 45.55 -7.04
CA GLN A 200 -1.75 45.63 -5.67
C GLN A 200 -1.58 47.04 -5.13
N ALA A 201 -0.43 47.65 -5.37
CA ALA A 201 -0.22 48.99 -4.85
C ALA A 201 -1.21 49.93 -5.52
N PRO A 202 -2.04 50.64 -4.75
CA PRO A 202 -2.96 51.60 -5.38
C PRO A 202 -2.23 52.74 -6.08
N PHE A 203 -1.01 53.05 -5.64
CA PHE A 203 -0.14 54.02 -6.27
C PHE A 203 1.30 53.65 -5.95
N THR A 204 2.20 53.96 -6.87
CA THR A 204 3.58 53.50 -6.75
C THR A 204 4.38 54.38 -5.81
N ILE A 205 5.18 53.72 -4.97
CA ILE A 205 6.06 54.41 -4.04
C ILE A 205 7.47 54.09 -4.48
N THR A 206 8.29 55.12 -4.67
CA THR A 206 9.66 54.91 -5.09
C THR A 206 10.56 54.89 -3.86
N PRO A 207 11.05 53.70 -3.49
CA PRO A 207 11.92 53.51 -2.33
C PRO A 207 13.36 53.90 -2.64
N VAL A 208 14.13 54.22 -1.61
CA VAL A 208 15.52 54.62 -1.79
C VAL A 208 16.41 54.04 -0.70
N PHE A 209 17.35 53.20 -1.09
CA PHE A 209 18.28 52.60 -0.14
C PHE A 209 19.00 53.69 0.62
N SER A 210 18.92 53.64 1.95
CA SER A 210 19.57 54.65 2.78
C SER A 210 19.81 54.16 4.21
N ASP A 211 21.01 54.44 4.73
CA ASP A 211 21.36 54.04 6.08
C ASP A 211 21.65 55.29 6.90
N PHE A 212 22.06 56.36 6.22
CA PHE A 212 22.36 57.62 6.86
C PHE A 212 21.42 58.67 6.29
N PRO A 213 21.03 59.66 7.09
CA PRO A 213 20.09 60.67 6.61
C PRO A 213 20.68 61.44 5.44
N VAL A 214 19.95 61.46 4.32
CA VAL A 214 20.38 62.22 3.16
C VAL A 214 19.27 63.16 2.71
N HIS A 215 19.66 64.36 2.31
CA HIS A 215 18.75 65.43 1.91
C HIS A 215 17.84 65.82 3.07
N GLY A 216 18.39 65.70 4.27
CA GLY A 216 17.56 65.86 5.44
C GLY A 216 16.46 64.82 5.54
N MET A 217 16.37 63.93 4.55
CA MET A 217 15.34 62.90 4.55
C MET A 217 15.84 61.60 5.18
N GLU A 218 15.83 61.54 6.51
CA GLU A 218 16.28 60.36 7.23
C GLU A 218 15.29 59.21 7.02
N PRO A 219 15.79 58.09 6.44
CA PRO A 219 14.94 56.93 6.18
C PRO A 219 14.45 56.32 7.49
N MET A 220 13.68 55.23 7.37
CA MET A 220 13.14 54.60 8.55
C MET A 220 14.07 53.49 9.00
N ASN A 221 14.33 53.42 10.31
CA ASN A 221 15.06 52.28 10.83
C ASN A 221 14.56 51.87 12.22
N ASN A 222 13.26 51.87 12.45
CA ASN A 222 12.77 51.40 13.74
C ASN A 222 13.29 50.03 14.10
N ALA A 223 13.01 49.65 15.35
CA ALA A 223 13.42 48.36 15.85
C ALA A 223 12.87 47.26 14.97
N THR A 224 13.62 46.17 14.88
CA THR A 224 13.27 45.02 14.06
C THR A 224 13.38 43.77 14.92
N LYS A 225 12.54 42.79 14.61
CA LYS A 225 12.57 41.57 15.39
C LYS A 225 12.70 40.39 14.44
N GLY A 226 13.53 39.43 14.80
CA GLY A 226 13.71 38.27 13.96
C GLY A 226 12.77 37.15 14.33
N CYS A 227 12.84 36.08 13.53
CA CYS A 227 11.99 34.91 13.69
C CYS A 227 12.30 34.16 14.98
N ASP A 228 13.42 34.50 15.60
CA ASP A 228 13.86 33.89 16.85
C ASP A 228 13.38 34.58 18.12
N GLU A 229 12.63 35.67 17.97
CA GLU A 229 12.12 36.40 19.13
C GLU A 229 10.63 36.73 19.02
N SER A 230 9.94 36.64 20.14
CA SER A 230 8.51 36.92 20.21
C SER A 230 8.31 38.40 20.50
N VAL A 231 7.24 38.96 19.94
CA VAL A 231 6.99 40.39 20.07
C VAL A 231 6.46 40.68 21.46
N ASP A 232 5.62 39.79 21.99
CA ASP A 232 5.00 39.97 23.29
C ASP A 232 5.09 38.65 24.06
N GLU A 233 4.95 38.76 25.38
CA GLU A 233 5.05 37.67 26.34
C GLU A 233 3.93 36.64 26.27
N VAL A 234 3.06 36.68 25.26
CA VAL A 234 2.07 35.62 25.22
C VAL A 234 2.04 34.97 23.86
N THR A 235 2.67 35.60 22.86
CA THR A 235 2.72 35.01 21.53
C THR A 235 4.07 34.31 21.43
N ALA A 236 4.07 32.99 21.36
CA ALA A 236 5.34 32.26 21.28
C ALA A 236 6.08 32.66 20.02
N PRO A 237 7.41 32.54 20.01
CA PRO A 237 8.14 32.88 18.77
C PRO A 237 7.75 31.94 17.64
N CYS A 238 8.23 32.25 16.44
CA CYS A 238 7.90 31.41 15.29
C CYS A 238 8.75 30.13 15.37
N SER A 239 8.29 29.08 14.68
CA SER A 239 8.96 27.78 14.74
C SER A 239 10.15 27.69 13.79
N CYS A 240 11.03 26.71 14.07
CA CYS A 240 12.28 26.57 13.34
C CYS A 240 12.06 25.95 11.97
N GLN A 241 10.82 25.56 11.69
CA GLN A 241 10.46 25.19 10.34
C GLN A 241 10.54 26.44 9.49
N ASP A 242 10.19 27.56 10.11
CA ASP A 242 10.07 28.86 9.46
C ASP A 242 11.17 29.81 9.90
N CYS A 243 12.14 29.33 10.70
CA CYS A 243 13.27 30.17 11.11
C CYS A 243 14.46 29.21 11.23
N SER A 244 15.57 29.60 10.61
CA SER A 244 16.75 28.77 10.56
C SER A 244 17.79 28.92 11.67
N ILE A 245 17.63 29.86 12.62
CA ILE A 245 18.67 29.90 13.63
C ILE A 245 18.35 29.11 14.88
N VAL A 246 17.09 28.76 15.10
CA VAL A 246 16.70 28.13 16.35
C VAL A 246 16.95 26.62 16.35
N CYS A 247 17.16 26.00 15.18
CA CYS A 247 17.02 24.56 15.01
C CYS A 247 17.60 24.15 13.66
N GLY A 248 17.76 22.83 13.45
CA GLY A 248 18.51 22.35 12.31
C GLY A 248 18.32 20.87 11.93
N PRO A 249 18.90 20.47 10.78
CA PRO A 249 18.72 19.11 10.24
C PRO A 249 19.43 18.05 11.06
N LYS A 250 19.66 18.36 12.32
CA LYS A 250 20.38 17.61 13.33
C LYS A 250 20.39 16.08 13.18
N PRO A 251 19.24 15.39 13.13
CA PRO A 251 19.28 13.94 12.90
C PRO A 251 19.38 13.52 11.44
N GLN A 252 19.81 12.27 11.24
CA GLN A 252 20.07 11.56 10.00
C GLN A 252 19.97 10.06 10.26
N PRO A 253 19.25 9.32 9.41
CA PRO A 253 19.20 7.88 9.54
C PRO A 253 20.58 7.25 9.61
N PRO A 254 20.69 6.05 10.17
CA PRO A 254 21.96 5.33 10.17
C PRO A 254 22.12 4.47 8.94
N PRO A 255 23.29 3.88 8.76
CA PRO A 255 23.53 3.00 7.60
C PRO A 255 23.05 1.59 7.86
N PRO A 256 22.67 0.86 6.81
CA PRO A 256 22.35 -0.57 6.93
C PRO A 256 23.57 -1.41 6.64
N PRO A 257 24.41 -1.72 7.65
CA PRO A 257 25.51 -2.66 7.42
C PRO A 257 25.17 -4.14 7.49
N ALA A 258 25.04 -4.72 6.31
CA ALA A 258 24.69 -6.10 6.00
C ALA A 258 24.85 -6.18 4.49
N PRO A 259 25.29 -7.32 3.93
CA PRO A 259 25.52 -8.67 4.44
C PRO A 259 26.33 -8.67 5.71
N TRP A 260 26.00 -9.56 6.64
CA TRP A 260 26.75 -9.59 7.88
C TRP A 260 28.13 -10.10 7.57
N THR A 261 29.12 -9.46 8.19
CA THR A 261 30.52 -9.81 8.07
C THR A 261 30.91 -10.02 6.61
N ILE A 262 30.82 -8.92 5.84
CA ILE A 262 31.07 -9.00 4.41
C ILE A 262 32.38 -9.72 4.19
N LEU A 263 33.47 -9.16 4.75
CA LEU A 263 34.80 -9.73 4.57
C LEU A 263 34.46 -11.19 4.82
N GLY A 264 34.56 -11.96 3.76
CA GLY A 264 34.24 -13.36 3.86
C GLY A 264 33.49 -13.79 2.64
N LEU A 265 32.76 -12.85 2.02
CA LEU A 265 31.94 -13.09 0.84
C LEU A 265 30.54 -13.61 1.22
N ASP A 266 29.90 -12.82 2.08
CA ASP A 266 28.59 -13.17 2.58
C ASP A 266 28.65 -13.73 4.01
N ALA A 267 29.84 -14.15 4.46
CA ALA A 267 29.91 -14.69 5.82
C ALA A 267 29.02 -15.90 6.01
N MET A 268 28.20 -16.22 5.01
CA MET A 268 27.53 -17.51 4.90
C MET A 268 28.09 -18.37 3.79
N TYR A 269 28.52 -17.76 2.70
CA TYR A 269 29.30 -18.49 1.73
C TYR A 269 30.49 -19.14 2.43
N VAL A 270 30.94 -18.60 3.56
CA VAL A 270 32.12 -19.14 4.22
C VAL A 270 31.75 -20.09 5.34
N ILE A 271 30.73 -19.74 6.13
CA ILE A 271 30.41 -20.69 7.18
C ILE A 271 30.02 -22.01 6.56
N MET A 272 29.42 -21.97 5.39
CA MET A 272 29.06 -23.25 4.81
C MET A 272 30.21 -23.92 4.07
N TRP A 273 30.86 -23.17 3.18
CA TRP A 273 31.98 -23.73 2.41
C TRP A 273 33.06 -24.34 3.29
N ILE A 274 33.37 -23.67 4.39
CA ILE A 274 34.40 -24.13 5.32
C ILE A 274 33.93 -25.40 6.00
N THR A 275 32.67 -25.44 6.41
CA THR A 275 32.16 -26.62 7.06
C THR A 275 32.17 -27.78 6.10
N TYR A 276 31.83 -27.50 4.84
CA TYR A 276 31.80 -28.53 3.83
C TYR A 276 33.18 -29.13 3.64
N MET A 277 34.20 -28.28 3.62
CA MET A 277 35.57 -28.78 3.45
C MET A 277 35.93 -29.69 4.61
N ALA A 278 35.48 -29.33 5.81
CA ALA A 278 35.74 -30.17 6.97
C ALA A 278 35.03 -31.49 6.82
N PHE A 279 33.78 -31.46 6.36
CA PHE A 279 33.04 -32.69 6.15
C PHE A 279 33.69 -33.56 5.09
N LEU A 280 34.13 -32.97 3.99
CA LEU A 280 34.74 -33.75 2.93
C LEU A 280 36.03 -34.38 3.39
N LEU A 281 36.76 -33.72 4.29
CA LEU A 281 38.00 -34.31 4.77
C LEU A 281 37.70 -35.39 5.80
N VAL A 282 36.75 -35.15 6.68
CA VAL A 282 36.40 -36.17 7.67
C VAL A 282 35.69 -37.34 7.02
N PHE A 283 35.22 -37.17 5.78
CA PHE A 283 34.56 -38.25 5.08
C PHE A 283 35.54 -39.06 4.24
N PHE A 284 36.24 -38.40 3.30
CA PHE A 284 37.24 -39.12 2.54
C PHE A 284 38.45 -39.51 3.37
N GLY A 285 38.51 -39.10 4.64
CA GLY A 285 39.64 -39.50 5.46
C GLY A 285 39.35 -40.80 6.19
N ALA A 286 38.15 -41.33 6.01
CA ALA A 286 37.88 -42.66 6.54
C ALA A 286 37.97 -43.68 5.41
N PHE A 287 37.66 -43.26 4.18
CA PHE A 287 38.10 -44.04 3.02
C PHE A 287 39.63 -44.10 2.97
N PHE A 288 40.30 -42.99 3.28
CA PHE A 288 41.76 -42.99 3.32
C PHE A 288 42.30 -43.89 4.43
N ALA A 289 41.84 -43.70 5.67
CA ALA A 289 42.31 -44.57 6.73
C ALA A 289 41.94 -46.02 6.49
N VAL A 290 40.87 -46.29 5.73
CA VAL A 290 40.56 -47.66 5.36
C VAL A 290 41.61 -48.22 4.42
N TRP A 291 41.86 -47.51 3.31
CA TRP A 291 42.96 -47.92 2.44
C TRP A 291 44.22 -48.18 3.24
N CYS A 292 44.48 -47.36 4.25
CA CYS A 292 45.65 -47.57 5.09
C CYS A 292 45.55 -48.92 5.81
N TYR A 293 44.47 -49.11 6.57
CA TYR A 293 44.27 -50.39 7.26
C TYR A 293 44.45 -51.55 6.31
N ARG A 294 44.27 -51.31 5.00
CA ARG A 294 44.62 -52.28 3.97
C ARG A 294 46.11 -52.59 3.92
N LYS A 295 46.94 -51.80 4.60
CA LYS A 295 48.38 -52.02 4.63
C LYS A 295 48.81 -52.69 5.93
N PRO A 326 6.01 -56.51 24.31
CA PRO A 326 4.97 -56.61 23.30
C PRO A 326 4.72 -55.25 22.65
N VAL A 327 5.81 -54.61 22.22
CA VAL A 327 5.73 -53.32 21.57
C VAL A 327 6.59 -53.23 20.31
N SER A 328 7.65 -54.03 20.19
CA SER A 328 8.54 -54.06 19.04
C SER A 328 7.81 -54.30 17.71
N ALA A 329 6.96 -55.32 17.65
CA ALA A 329 6.18 -55.64 16.46
C ALA A 329 4.75 -56.03 16.80
N ALA A 330 4.26 -55.54 17.94
CA ALA A 330 2.92 -55.79 18.41
C ALA A 330 1.82 -55.04 17.67
N PHE A 331 2.12 -53.85 17.12
CA PHE A 331 1.10 -53.08 16.41
C PHE A 331 1.12 -53.32 14.90
N GLU A 332 2.25 -53.79 14.37
CA GLU A 332 2.36 -54.01 12.93
C GLU A 332 1.85 -55.38 12.52
N GLY A 333 1.38 -56.20 13.46
CA GLY A 333 0.95 -57.53 13.11
C GLY A 333 -0.56 -57.66 13.14
N CYS A 334 -1.22 -56.90 14.02
CA CYS A 334 -2.67 -56.93 14.05
C CYS A 334 -3.27 -56.24 12.83
N LEU A 335 -2.55 -55.27 12.28
CA LEU A 335 -3.00 -54.58 11.06
C LEU A 335 -2.99 -55.51 9.87
N ARG A 336 -1.91 -56.26 9.71
CA ARG A 336 -1.83 -57.22 8.62
C ARG A 336 -3.00 -58.19 8.64
N ARG A 337 -3.31 -58.72 9.82
CA ARG A 337 -4.38 -59.70 9.91
C ARG A 337 -5.73 -59.06 9.62
N LEU A 338 -6.00 -57.89 10.22
CA LEU A 338 -7.26 -57.19 9.98
C LEU A 338 -7.43 -56.86 8.50
N PHE A 339 -6.41 -56.33 7.86
CA PHE A 339 -6.58 -55.98 6.45
C PHE A 339 -6.77 -57.22 5.61
N THR A 340 -6.14 -58.32 6.01
CA THR A 340 -6.27 -59.58 5.31
C THR A 340 -7.73 -60.02 5.34
N ARG A 341 -8.34 -59.94 6.52
CA ARG A 341 -9.75 -60.31 6.66
C ARG A 341 -10.65 -59.34 5.93
N TRP A 342 -10.37 -58.04 6.06
CA TRP A 342 -11.24 -57.05 5.44
C TRP A 342 -11.15 -57.04 3.92
N GLY A 343 -10.00 -57.34 3.35
CA GLY A 343 -9.95 -57.44 1.91
C GLY A 343 -10.76 -58.61 1.43
N SER A 344 -10.70 -59.72 2.15
CA SER A 344 -11.49 -60.88 1.79
C SER A 344 -12.97 -60.52 1.88
N PHE A 345 -13.34 -59.87 2.99
CA PHE A 345 -14.71 -59.47 3.23
C PHE A 345 -15.23 -58.60 2.09
N CYS A 346 -14.47 -57.59 1.68
CA CYS A 346 -14.95 -56.74 0.61
C CYS A 346 -14.95 -57.45 -0.74
N VAL A 347 -14.09 -58.46 -0.90
CA VAL A 347 -14.06 -59.17 -2.18
C VAL A 347 -15.15 -60.21 -2.31
N ARG A 348 -15.69 -60.72 -1.21
CA ARG A 348 -16.75 -61.71 -1.37
C ARG A 348 -18.11 -61.08 -1.11
N ASN A 349 -18.14 -59.77 -0.88
CA ASN A 349 -19.40 -59.03 -0.73
C ASN A 349 -19.35 -57.75 -1.57
N PRO A 350 -19.06 -57.84 -2.86
CA PRO A 350 -18.85 -56.63 -3.64
C PRO A 350 -20.07 -55.72 -3.74
N GLY A 351 -21.24 -56.31 -3.90
CA GLY A 351 -22.44 -55.51 -4.04
C GLY A 351 -22.71 -54.58 -2.90
N CYS A 352 -22.80 -55.13 -1.68
CA CYS A 352 -23.07 -54.28 -0.53
C CYS A 352 -22.04 -53.17 -0.40
N VAL A 353 -20.77 -53.53 -0.48
CA VAL A 353 -19.71 -52.52 -0.28
C VAL A 353 -19.81 -51.41 -1.30
N ILE A 354 -19.84 -51.75 -2.59
CA ILE A 354 -19.81 -50.70 -3.60
C ILE A 354 -21.06 -49.85 -3.50
N PHE A 355 -22.20 -50.47 -3.21
CA PHE A 355 -23.43 -49.70 -3.11
C PHE A 355 -23.36 -48.72 -1.96
N PHE A 356 -22.95 -49.20 -0.79
CA PHE A 356 -22.84 -48.30 0.35
C PHE A 356 -21.83 -47.20 0.08
N SER A 357 -20.77 -47.49 -0.66
CA SER A 357 -19.80 -46.45 -0.94
C SER A 357 -20.39 -45.39 -1.85
N LEU A 358 -21.17 -45.79 -2.87
CA LEU A 358 -21.82 -44.78 -3.70
C LEU A 358 -22.86 -43.98 -2.91
N VAL A 359 -23.61 -44.65 -2.04
CA VAL A 359 -24.57 -43.94 -1.22
C VAL A 359 -23.87 -42.95 -0.33
N PHE A 360 -22.73 -43.34 0.24
CA PHE A 360 -21.96 -42.40 1.04
C PHE A 360 -21.49 -41.21 0.21
N ILE A 361 -20.96 -41.47 -0.97
CA ILE A 361 -20.50 -40.35 -1.80
C ILE A 361 -21.62 -39.37 -2.03
N THR A 362 -22.80 -39.87 -2.41
CA THR A 362 -23.91 -38.97 -2.69
C THR A 362 -24.39 -38.28 -1.42
N ALA A 363 -24.59 -39.02 -0.35
CA ALA A 363 -25.05 -38.44 0.90
C ALA A 363 -24.14 -37.32 1.35
N CYS A 364 -22.85 -37.44 1.09
CA CYS A 364 -21.90 -36.42 1.52
C CYS A 364 -21.81 -35.28 0.54
N SER A 365 -21.92 -35.55 -0.76
CA SER A 365 -21.75 -34.50 -1.75
C SER A 365 -23.04 -33.77 -2.09
N SER A 366 -24.19 -34.18 -1.56
CA SER A 366 -25.41 -33.41 -1.77
C SER A 366 -25.44 -32.16 -0.90
N GLY A 367 -24.52 -32.07 0.06
CA GLY A 367 -24.41 -30.88 0.89
C GLY A 367 -23.85 -29.71 0.10
N LEU A 368 -23.51 -29.97 -1.15
CA LEU A 368 -23.03 -28.97 -2.10
C LEU A 368 -24.06 -27.92 -2.48
N VAL A 369 -25.31 -28.10 -2.02
CA VAL A 369 -26.33 -27.08 -2.27
C VAL A 369 -26.07 -25.81 -1.51
N PHE A 370 -25.42 -25.88 -0.37
CA PHE A 370 -25.16 -24.66 0.38
C PHE A 370 -23.82 -24.02 0.06
N VAL A 371 -23.30 -24.22 -1.15
CA VAL A 371 -21.94 -23.77 -1.46
C VAL A 371 -21.99 -22.25 -1.61
N ARG A 372 -21.11 -21.55 -0.90
CA ARG A 372 -21.01 -20.08 -1.00
C ARG A 372 -19.63 -19.72 -1.54
N VAL A 373 -19.55 -18.72 -2.40
CA VAL A 373 -18.25 -18.35 -2.93
C VAL A 373 -17.83 -16.93 -2.54
N THR A 374 -16.61 -16.82 -2.01
CA THR A 374 -15.98 -15.57 -1.61
C THR A 374 -15.08 -15.09 -2.72
N THR A 375 -15.31 -13.88 -3.19
CA THR A 375 -14.43 -13.35 -4.22
C THR A 375 -13.80 -12.03 -3.79
N ASN A 376 -14.32 -11.41 -2.74
CA ASN A 376 -13.82 -10.17 -2.17
C ASN A 376 -12.40 -10.28 -1.60
N PRO A 377 -11.44 -9.50 -2.13
CA PRO A 377 -10.03 -9.65 -1.73
C PRO A 377 -9.69 -9.45 -0.27
N VAL A 378 -10.43 -8.61 0.45
CA VAL A 378 -10.09 -8.41 1.85
C VAL A 378 -10.23 -9.71 2.60
N ASP A 379 -11.34 -10.39 2.36
CA ASP A 379 -11.62 -11.67 3.01
C ASP A 379 -10.65 -12.76 2.58
N LEU A 380 -10.13 -12.68 1.36
CA LEU A 380 -9.19 -13.69 0.88
C LEU A 380 -7.85 -13.54 1.57
N TRP A 381 -7.28 -12.35 1.52
CA TRP A 381 -5.89 -12.18 1.92
C TRP A 381 -5.71 -11.63 3.33
N SER A 382 -6.78 -11.37 4.07
CA SER A 382 -6.65 -10.78 5.39
C SER A 382 -7.31 -11.67 6.44
N ALA A 383 -6.60 -11.92 7.52
CA ALA A 383 -7.25 -12.64 8.59
C ALA A 383 -8.33 -11.80 9.24
N PRO A 384 -9.45 -12.39 9.59
CA PRO A 384 -10.58 -11.61 10.11
C PRO A 384 -10.27 -10.93 11.43
N SER A 385 -9.21 -11.35 12.12
CA SER A 385 -8.95 -10.77 13.42
C SER A 385 -7.51 -10.34 13.58
N SER A 386 -6.87 -9.96 12.48
CA SER A 386 -5.49 -9.51 12.51
C SER A 386 -5.45 -8.08 13.07
N GLN A 387 -4.30 -7.66 13.58
CA GLN A 387 -4.19 -6.32 14.13
C GLN A 387 -4.61 -5.29 13.11
N ALA A 388 -4.11 -5.45 11.88
CA ALA A 388 -4.45 -4.49 10.85
C ALA A 388 -5.94 -4.55 10.53
N ARG A 389 -6.53 -5.72 10.62
CA ARG A 389 -7.97 -5.80 10.36
C ARG A 389 -8.77 -5.09 11.43
N LEU A 390 -8.37 -5.22 12.69
CA LEU A 390 -9.08 -4.49 13.74
C LEU A 390 -8.90 -2.98 13.60
N GLU A 391 -7.73 -2.56 13.16
CA GLU A 391 -7.48 -1.14 12.96
C GLU A 391 -8.39 -0.63 11.84
N LYS A 392 -8.53 -1.40 10.77
CA LYS A 392 -9.39 -1.01 9.67
C LYS A 392 -10.85 -1.02 10.08
N GLU A 393 -11.20 -1.96 10.95
CA GLU A 393 -12.56 -2.03 11.43
C GLU A 393 -12.90 -0.79 12.23
N TYR A 394 -11.92 -0.26 12.97
CA TYR A 394 -12.14 0.95 13.75
C TYR A 394 -12.20 2.17 12.85
N PHE A 395 -11.38 2.20 11.80
CA PHE A 395 -11.40 3.36 10.92
C PHE A 395 -12.67 3.46 10.10
N ASP A 396 -13.18 2.35 9.59
CA ASP A 396 -14.38 2.43 8.78
C ASP A 396 -15.60 2.82 9.57
N GLN A 397 -15.58 2.68 10.89
CA GLN A 397 -16.79 2.98 11.62
C GLN A 397 -16.92 4.44 11.94
N HIS A 398 -15.82 5.11 12.25
CA HIS A 398 -15.89 6.50 12.66
C HIS A 398 -15.68 7.51 11.54
N PHE A 399 -14.99 7.14 10.48
CA PHE A 399 -14.72 8.09 9.42
C PHE A 399 -15.23 7.64 8.07
N GLY A 400 -15.85 6.47 8.02
CA GLY A 400 -16.28 5.91 6.76
C GLY A 400 -15.12 5.34 6.00
N PRO A 401 -15.39 4.35 5.18
CA PRO A 401 -14.32 3.63 4.49
C PRO A 401 -13.55 4.54 3.56
N PHE A 402 -12.33 4.14 3.24
CA PHE A 402 -11.52 4.87 2.29
C PHE A 402 -12.19 4.80 0.93
N PHE A 403 -12.08 5.87 0.13
CA PHE A 403 -12.86 5.92 -1.09
C PHE A 403 -12.22 5.08 -2.18
N ARG A 404 -12.90 4.97 -3.30
CA ARG A 404 -12.38 4.20 -4.42
C ARG A 404 -11.84 5.11 -5.50
N THR A 405 -10.65 4.81 -6.00
CA THR A 405 -9.91 5.68 -6.92
C THR A 405 -9.86 5.02 -8.27
N GLU A 406 -10.13 5.81 -9.29
CA GLU A 406 -10.03 5.35 -10.67
C GLU A 406 -8.98 6.23 -11.34
N GLN A 407 -7.77 5.73 -11.40
CA GLN A 407 -6.69 6.50 -11.97
C GLN A 407 -6.75 6.47 -13.48
N LEU A 408 -5.95 7.33 -14.08
CA LEU A 408 -5.83 7.38 -15.53
C LEU A 408 -4.49 8.04 -15.77
N ILE A 409 -3.54 7.28 -16.28
CA ILE A 409 -2.19 7.77 -16.50
C ILE A 409 -2.05 8.03 -17.99
N ILE A 410 -2.33 9.26 -18.40
CA ILE A 410 -2.28 9.58 -19.80
C ILE A 410 -0.84 9.90 -20.22
N ARG A 411 -0.55 9.60 -21.48
CA ARG A 411 0.78 9.82 -22.03
C ARG A 411 0.70 10.13 -23.53
N ALA A 412 1.44 11.16 -23.95
CA ALA A 412 1.47 11.56 -25.35
C ALA A 412 2.75 11.15 -26.06
N PRO A 413 2.74 10.05 -26.80
CA PRO A 413 3.99 9.61 -27.45
C PRO A 413 4.31 10.38 -28.72
N LEU A 414 3.27 10.83 -29.44
CA LEU A 414 3.38 11.50 -30.73
C LEU A 414 3.77 12.97 -30.61
N THR A 415 4.30 13.41 -29.49
CA THR A 415 4.58 14.84 -29.36
C THR A 415 5.94 15.05 -28.70
N ASP A 416 6.53 16.20 -28.99
CA ASP A 416 7.82 16.60 -28.46
C ASP A 416 7.62 17.76 -27.50
N LYS A 417 8.60 17.94 -26.63
CA LYS A 417 8.58 19.03 -25.67
C LYS A 417 8.77 20.34 -26.40
N HIS A 418 8.19 21.40 -25.87
CA HIS A 418 8.30 22.71 -26.50
C HIS A 418 8.78 23.69 -25.46
N ILE A 419 9.22 24.82 -25.89
CA ILE A 419 9.86 25.76 -24.99
C ILE A 419 8.95 26.93 -24.69
N TYR A 420 9.04 27.41 -23.46
CA TYR A 420 8.31 28.58 -23.00
C TYR A 420 9.33 29.66 -22.70
N GLN A 421 9.18 30.81 -23.29
CA GLN A 421 10.09 31.90 -23.02
C GLN A 421 9.24 32.98 -22.37
N PRO A 422 9.47 33.32 -21.11
CA PRO A 422 8.70 34.41 -20.49
C PRO A 422 8.90 35.75 -21.18
N TYR A 423 7.82 36.52 -21.32
CA TYR A 423 7.93 37.79 -22.03
C TYR A 423 8.75 38.80 -21.25
N PRO A 424 8.30 39.24 -20.06
CA PRO A 424 9.06 40.29 -19.36
C PRO A 424 10.49 39.86 -19.17
N SER A 425 10.71 38.71 -18.55
CA SER A 425 12.04 38.16 -18.39
C SER A 425 11.91 36.82 -17.70
N GLY A 426 12.96 36.03 -17.80
CA GLY A 426 13.03 34.72 -17.19
C GLY A 426 13.64 33.68 -18.10
N ALA A 427 14.28 32.69 -17.51
CA ALA A 427 14.89 31.64 -18.30
C ALA A 427 13.81 30.80 -18.96
N ASP A 428 14.16 30.16 -20.06
CA ASP A 428 13.19 29.30 -20.74
C ASP A 428 12.81 28.13 -19.84
N VAL A 429 11.55 27.75 -19.96
CA VAL A 429 11.00 26.66 -19.16
C VAL A 429 10.40 25.67 -20.13
N PRO A 430 10.96 24.49 -20.26
CA PRO A 430 10.44 23.49 -21.18
C PRO A 430 9.31 22.74 -20.52
N PHE A 431 8.32 22.40 -21.34
CA PHE A 431 7.14 21.69 -20.89
C PHE A 431 7.15 20.33 -21.56
N GLY A 432 6.82 19.31 -20.80
CA GLY A 432 6.78 17.97 -21.32
C GLY A 432 5.83 17.87 -22.48
N PRO A 433 5.82 16.71 -23.11
CA PRO A 433 4.94 16.49 -24.24
C PRO A 433 3.49 16.62 -23.82
N PRO A 434 3.09 15.97 -22.73
CA PRO A 434 1.67 15.99 -22.39
C PRO A 434 1.15 17.37 -22.03
N LEU A 435 2.01 18.31 -21.76
CA LEU A 435 1.44 19.61 -21.42
C LEU A 435 1.18 20.47 -22.59
N ASP A 436 0.96 19.88 -23.77
CA ASP A 436 0.66 20.68 -24.95
C ASP A 436 -0.79 21.18 -24.88
N ILE A 437 -1.09 22.35 -25.43
CA ILE A 437 -2.44 22.88 -25.38
C ILE A 437 -3.39 21.98 -26.17
N GLN A 438 -2.97 21.50 -27.33
CA GLN A 438 -3.86 20.64 -28.11
C GLN A 438 -4.13 19.36 -27.37
N ILE A 439 -3.08 18.76 -26.81
CA ILE A 439 -3.25 17.53 -26.06
C ILE A 439 -4.08 17.80 -24.83
N LEU A 440 -3.95 18.98 -24.27
CA LEU A 440 -4.75 19.30 -23.10
C LEU A 440 -6.22 19.37 -23.50
N HIS A 441 -6.52 19.92 -24.67
CA HIS A 441 -7.91 19.92 -25.10
C HIS A 441 -8.43 18.51 -25.29
N GLN A 442 -7.63 17.63 -25.88
CA GLN A 442 -8.16 16.29 -26.09
C GLN A 442 -8.35 15.55 -24.78
N VAL A 443 -7.46 15.75 -23.83
CA VAL A 443 -7.64 15.11 -22.53
C VAL A 443 -8.82 15.70 -21.78
N LEU A 444 -9.04 17.01 -21.91
CA LEU A 444 -10.21 17.60 -21.29
C LEU A 444 -11.48 17.05 -21.90
N ASP A 445 -11.47 16.83 -23.20
CA ASP A 445 -12.64 16.25 -23.82
C ASP A 445 -12.87 14.85 -23.28
N LEU A 446 -11.80 14.08 -23.13
CA LEU A 446 -11.94 12.75 -22.57
C LEU A 446 -12.50 12.80 -21.16
N GLN A 447 -12.06 13.76 -20.37
CA GLN A 447 -12.53 13.83 -19.01
C GLN A 447 -14.00 14.21 -18.96
N ILE A 448 -14.38 15.23 -19.73
CA ILE A 448 -15.78 15.63 -19.78
C ILE A 448 -16.65 14.49 -20.28
N ALA A 449 -16.10 13.64 -21.16
CA ALA A 449 -16.88 12.50 -21.60
C ALA A 449 -17.00 11.44 -20.52
N ILE A 450 -15.93 11.22 -19.77
CA ILE A 450 -16.02 10.28 -18.66
C ILE A 450 -17.05 10.79 -17.68
N GLU A 451 -17.30 12.08 -17.69
CA GLU A 451 -18.34 12.55 -16.79
C GLU A 451 -19.73 12.23 -17.31
N ASN A 452 -19.91 12.21 -18.63
CA ASN A 452 -21.19 11.78 -19.18
C ASN A 452 -21.65 10.45 -18.60
N ILE A 453 -20.77 9.45 -18.67
CA ILE A 453 -21.05 8.10 -18.20
C ILE A 453 -22.33 7.98 -17.39
N THR A 454 -23.22 7.10 -17.84
CA THR A 454 -24.48 6.86 -17.16
C THR A 454 -24.62 5.39 -16.80
N ALA A 455 -24.76 4.54 -17.83
CA ALA A 455 -24.89 3.09 -17.64
C ALA A 455 -25.93 2.71 -16.60
N SER A 456 -27.20 2.99 -16.90
CA SER A 456 -28.30 2.69 -15.99
C SER A 456 -28.28 1.25 -15.47
N TYR A 457 -28.57 1.09 -14.18
CA TYR A 457 -28.58 -0.22 -13.56
C TYR A 457 -29.87 -0.49 -12.79
N ASP A 458 -30.43 -1.68 -13.00
CA ASP A 458 -31.67 -2.11 -12.33
C ASP A 458 -32.77 -1.06 -12.42
N ASN A 459 -33.14 -0.71 -13.65
CA ASN A 459 -34.18 0.29 -13.90
C ASN A 459 -33.94 1.58 -13.11
N GLU A 460 -32.71 2.09 -13.20
CA GLU A 460 -32.32 3.30 -12.50
C GLU A 460 -31.04 3.87 -13.11
N THR A 461 -31.02 5.17 -13.36
CA THR A 461 -29.87 5.83 -13.95
C THR A 461 -29.04 6.59 -12.93
N VAL A 462 -27.80 6.16 -12.74
CA VAL A 462 -26.90 6.83 -11.80
C VAL A 462 -25.81 7.56 -12.57
N THR A 463 -25.26 8.62 -11.98
CA THR A 463 -24.23 9.41 -12.62
C THR A 463 -23.01 9.60 -11.74
N LEU A 464 -21.91 10.05 -12.34
CA LEU A 464 -20.66 10.25 -11.62
C LEU A 464 -20.81 11.26 -10.49
N GLN A 465 -21.58 12.32 -10.73
CA GLN A 465 -21.85 13.33 -9.71
C GLN A 465 -22.58 12.69 -8.53
N ASP A 466 -23.48 11.76 -8.83
CA ASP A 466 -24.25 11.05 -7.81
C ASP A 466 -23.36 10.21 -6.89
N ILE A 467 -22.38 9.53 -7.47
CA ILE A 467 -21.49 8.70 -6.67
C ILE A 467 -20.20 9.42 -6.23
N CYS A 468 -19.66 10.27 -7.09
CA CYS A 468 -18.42 10.94 -6.72
C CYS A 468 -18.65 11.73 -5.45
N LEU A 469 -17.72 11.60 -4.50
CA LEU A 469 -17.81 12.31 -3.23
C LEU A 469 -17.59 13.79 -3.46
N ALA A 470 -18.44 14.60 -2.88
CA ALA A 470 -18.23 16.02 -2.94
C ALA A 470 -17.96 16.46 -1.51
N PRO A 471 -16.76 16.93 -1.22
CA PRO A 471 -16.42 17.19 0.18
C PRO A 471 -17.29 18.25 0.82
N LEU A 472 -17.37 19.43 0.22
CA LEU A 472 -18.13 20.56 0.75
C LEU A 472 -19.48 20.63 0.04
N SER A 473 -20.43 19.87 0.58
CA SER A 473 -21.77 19.85 0.01
C SER A 473 -22.78 19.92 1.15
N PRO A 474 -23.98 20.46 0.87
CA PRO A 474 -24.52 20.69 -0.46
C PRO A 474 -24.29 22.09 -1.01
N TYR A 475 -23.39 22.87 -0.41
CA TYR A 475 -23.10 24.18 -0.97
C TYR A 475 -22.57 24.09 -2.40
N ASN A 476 -21.42 23.46 -2.59
CA ASN A 476 -20.91 23.19 -3.93
C ASN A 476 -20.87 21.68 -4.09
N THR A 477 -21.43 21.17 -5.18
CA THR A 477 -21.62 19.74 -5.33
C THR A 477 -21.00 19.17 -6.60
N ASN A 478 -20.11 19.90 -7.26
CA ASN A 478 -19.76 19.42 -8.59
C ASN A 478 -19.16 18.02 -8.52
N CYS A 479 -17.86 17.90 -8.28
CA CYS A 479 -17.31 16.86 -7.41
C CYS A 479 -15.80 16.70 -7.62
N THR A 480 -15.17 15.89 -6.79
CA THR A 480 -13.72 15.75 -6.82
C THR A 480 -13.24 14.99 -8.03
N ILE A 481 -12.56 15.69 -8.92
CA ILE A 481 -11.77 15.07 -9.97
C ILE A 481 -10.39 15.66 -9.84
N LEU A 482 -9.38 14.83 -9.62
CA LEU A 482 -8.07 15.42 -9.36
C LEU A 482 -7.26 15.35 -10.63
N SER A 483 -7.45 16.32 -11.49
CA SER A 483 -6.75 16.40 -12.76
C SER A 483 -6.18 17.79 -12.96
N VAL A 484 -5.11 17.86 -13.74
CA VAL A 484 -4.44 19.13 -14.00
C VAL A 484 -5.35 20.08 -14.77
N LEU A 485 -6.49 19.58 -15.23
CA LEU A 485 -7.43 20.49 -15.86
C LEU A 485 -8.22 21.28 -14.84
N ASN A 486 -8.16 20.91 -13.57
CA ASN A 486 -8.86 21.71 -12.58
C ASN A 486 -8.22 23.07 -12.37
N TYR A 487 -6.94 23.19 -12.65
CA TYR A 487 -6.36 24.52 -12.64
C TYR A 487 -7.09 25.44 -13.58
N PHE A 488 -7.65 24.90 -14.66
CA PHE A 488 -8.43 25.71 -15.56
C PHE A 488 -9.92 25.47 -15.42
N GLN A 489 -10.28 24.65 -14.43
CA GLN A 489 -11.70 24.39 -14.14
C GLN A 489 -12.48 23.70 -15.24
N ASN A 490 -11.78 22.94 -16.07
CA ASN A 490 -12.43 22.19 -17.13
C ASN A 490 -13.17 23.09 -18.12
N SER A 491 -12.55 24.19 -18.52
CA SER A 491 -13.20 25.11 -19.44
C SER A 491 -12.31 25.43 -20.62
N HIS A 492 -12.72 25.02 -21.81
CA HIS A 492 -11.90 25.31 -22.98
C HIS A 492 -11.62 26.80 -23.08
N SER A 493 -12.62 27.59 -22.70
CA SER A 493 -12.48 29.04 -22.71
C SER A 493 -11.46 29.50 -21.69
N VAL A 494 -11.54 28.95 -20.47
CA VAL A 494 -10.56 29.28 -19.45
C VAL A 494 -9.18 28.77 -19.82
N LEU A 495 -9.14 27.68 -20.58
CA LEU A 495 -7.85 27.16 -20.97
C LEU A 495 -7.22 28.00 -22.07
N ASP A 496 -8.02 28.63 -22.92
CA ASP A 496 -7.48 29.36 -24.05
C ASP A 496 -7.48 30.87 -23.85
N HIS A 497 -8.39 31.39 -23.03
CA HIS A 497 -8.47 32.83 -22.83
C HIS A 497 -7.09 33.35 -22.43
N LYS A 498 -6.62 34.36 -23.16
CA LYS A 498 -5.30 34.96 -22.96
C LYS A 498 -5.36 36.40 -22.51
N LYS A 499 -4.35 36.81 -21.74
CA LYS A 499 -4.25 38.14 -21.13
C LYS A 499 -3.04 38.91 -21.64
N GLY A 500 -2.84 38.93 -22.95
CA GLY A 500 -1.73 39.66 -23.51
C GLY A 500 -2.17 40.55 -24.64
N ASP A 501 -1.25 41.30 -25.23
CA ASP A 501 -1.55 42.18 -26.34
C ASP A 501 -0.67 41.85 -27.53
N ASP A 502 -1.07 42.30 -28.71
CA ASP A 502 -0.42 41.80 -29.91
C ASP A 502 1.08 41.92 -29.78
N PHE A 503 1.81 41.13 -30.56
CA PHE A 503 3.26 41.13 -30.53
C PHE A 503 3.85 40.41 -29.33
N PHE A 504 3.03 39.98 -28.37
CA PHE A 504 3.47 39.25 -27.17
C PHE A 504 2.25 38.84 -26.38
N VAL A 505 2.32 37.73 -25.66
CA VAL A 505 1.21 37.48 -24.76
C VAL A 505 1.72 37.67 -23.35
N TYR A 506 1.03 38.51 -22.58
CA TYR A 506 1.41 38.71 -21.20
C TYR A 506 1.28 37.43 -20.39
N ALA A 507 0.06 36.92 -20.29
CA ALA A 507 -0.14 35.67 -19.57
C ALA A 507 -0.69 34.63 -20.53
N ASP A 508 -0.44 33.37 -20.19
CA ASP A 508 -0.84 32.18 -20.97
C ASP A 508 -1.05 30.97 -20.05
N TYR A 509 -1.71 29.92 -20.53
CA TYR A 509 -1.99 28.77 -19.66
C TYR A 509 -0.74 28.33 -18.88
N HIS A 510 0.44 28.39 -19.48
CA HIS A 510 1.67 28.08 -18.76
C HIS A 510 1.86 29.05 -17.60
N THR A 511 1.51 30.32 -17.85
CA THR A 511 1.64 31.38 -16.86
C THR A 511 0.75 31.05 -15.67
N HIS A 512 -0.46 30.59 -15.94
CA HIS A 512 -1.35 30.17 -14.87
C HIS A 512 -0.89 28.86 -14.26
N PHE A 513 -0.49 27.91 -15.10
CA PHE A 513 0.01 26.65 -14.60
C PHE A 513 1.22 26.87 -13.72
N LEU A 514 2.16 27.68 -14.18
CA LEU A 514 3.34 27.89 -13.37
C LEU A 514 2.97 28.52 -12.05
N TYR A 515 1.99 29.42 -12.06
CA TYR A 515 1.63 30.07 -10.82
C TYR A 515 0.96 29.11 -9.85
N CYS A 516 0.11 28.22 -10.36
CA CYS A 516 -0.67 27.43 -9.42
C CYS A 516 0.02 26.13 -9.05
N VAL A 517 1.05 25.74 -9.80
CA VAL A 517 1.85 24.62 -9.30
C VAL A 517 2.68 25.08 -8.13
N ARG A 518 2.89 26.40 -8.06
CA ARG A 518 3.63 26.99 -6.96
C ARG A 518 2.71 27.26 -5.77
N ALA A 519 1.44 27.55 -6.05
CA ALA A 519 0.45 27.82 -5.03
C ALA A 519 -0.94 27.29 -5.37
N PRO A 520 -1.21 26.02 -5.21
CA PRO A 520 -2.49 25.48 -5.68
C PRO A 520 -3.66 25.92 -4.81
N ALA A 521 -3.44 26.78 -3.83
CA ALA A 521 -4.50 27.20 -2.93
C ALA A 521 -4.84 28.68 -3.07
N SER A 522 -4.42 29.32 -4.15
CA SER A 522 -4.73 30.72 -4.39
C SER A 522 -6.19 30.81 -4.82
N LEU A 523 -6.81 31.94 -4.51
CA LEU A 523 -8.19 32.19 -4.91
C LEU A 523 -8.23 33.15 -6.10
N ASN A 524 -7.04 33.63 -6.49
CA ASN A 524 -6.85 34.51 -7.63
C ASN A 524 -5.46 34.20 -8.19
N ASP A 525 -5.24 34.42 -9.48
CA ASP A 525 -3.92 34.16 -10.07
C ASP A 525 -2.82 35.05 -9.48
N THR A 526 -3.17 36.33 -9.30
CA THR A 526 -2.31 37.38 -8.72
C THR A 526 -1.07 37.78 -9.54
N SER A 527 -1.02 37.34 -10.79
CA SER A 527 0.07 37.66 -11.70
C SER A 527 -0.45 38.47 -12.89
N LEU A 528 -1.62 39.08 -12.67
CA LEU A 528 -2.44 39.93 -13.56
C LEU A 528 -3.38 39.10 -14.45
N LEU A 529 -3.25 37.78 -14.36
CA LEU A 529 -4.11 36.85 -15.08
C LEU A 529 -5.51 36.92 -14.49
N HIS A 530 -5.56 37.08 -13.16
CA HIS A 530 -6.78 37.19 -12.37
C HIS A 530 -7.70 35.97 -12.50
N ASP A 531 -7.11 34.79 -12.57
CA ASP A 531 -7.90 33.56 -12.65
C ASP A 531 -7.61 32.67 -11.45
N PRO A 532 -8.67 32.27 -10.74
CA PRO A 532 -8.58 31.42 -9.55
C PRO A 532 -8.23 29.98 -9.91
N CYS A 533 -7.35 29.32 -9.16
CA CYS A 533 -7.09 27.94 -9.50
C CYS A 533 -7.34 27.04 -8.30
N LEU A 534 -8.47 27.17 -7.64
CA LEU A 534 -8.80 26.34 -6.49
C LEU A 534 -9.46 25.04 -6.90
N GLY A 535 -10.15 25.02 -8.02
CA GLY A 535 -10.82 23.83 -8.50
C GLY A 535 -12.32 23.87 -8.32
N THR A 536 -13.03 23.30 -9.29
CA THR A 536 -14.48 23.37 -9.31
C THR A 536 -15.09 22.76 -8.07
N PHE A 537 -14.43 21.77 -7.49
CA PHE A 537 -15.03 21.20 -6.31
C PHE A 537 -14.75 22.06 -5.10
N GLY A 538 -13.70 22.86 -5.15
CA GLY A 538 -13.41 23.71 -4.02
C GLY A 538 -12.41 23.00 -3.14
N GLY A 539 -11.17 23.43 -3.18
CA GLY A 539 -10.15 22.74 -2.44
C GLY A 539 -8.98 22.49 -3.33
N PRO A 540 -7.78 22.52 -2.76
CA PRO A 540 -6.59 22.53 -3.59
C PRO A 540 -6.45 21.22 -4.35
N VAL A 541 -5.67 21.29 -5.41
CA VAL A 541 -5.30 20.14 -6.21
C VAL A 541 -3.78 20.09 -6.17
N PHE A 542 -3.22 19.09 -5.52
CA PHE A 542 -1.79 19.15 -5.32
C PHE A 542 -1.06 18.64 -6.56
N PRO A 543 -0.09 19.34 -6.99
CA PRO A 543 0.56 19.02 -8.25
C PRO A 543 1.18 17.65 -8.31
N TRP A 544 1.52 17.06 -7.16
CA TRP A 544 2.14 15.73 -7.21
C TRP A 544 1.09 14.63 -7.37
N LEU A 545 -0.18 14.97 -7.22
CA LEU A 545 -1.27 14.01 -7.41
C LEU A 545 -1.79 14.01 -8.83
N VAL A 546 -1.41 15.00 -9.63
CA VAL A 546 -2.02 15.14 -10.94
C VAL A 546 -0.96 15.08 -12.03
N LEU A 547 0.28 14.82 -11.64
CA LEU A 547 1.37 14.74 -12.60
C LEU A 547 2.33 13.63 -12.20
N GLY A 548 3.12 13.20 -13.17
CA GLY A 548 4.12 12.20 -12.94
C GLY A 548 5.15 12.34 -14.03
N GLY A 549 6.40 11.98 -13.78
CA GLY A 549 7.40 12.04 -14.80
C GLY A 549 8.21 13.32 -14.80
N TYR A 550 8.07 14.16 -13.77
CA TYR A 550 8.80 15.41 -13.70
C TYR A 550 10.06 15.14 -12.89
N ASP A 551 10.84 16.17 -12.60
CA ASP A 551 12.13 15.93 -11.96
C ASP A 551 12.31 16.74 -10.68
N ASP A 552 11.73 16.25 -9.59
CA ASP A 552 11.98 16.49 -8.18
C ASP A 552 11.48 17.83 -7.68
N GLN A 553 11.26 18.75 -8.61
CA GLN A 553 10.76 20.07 -8.29
C GLN A 553 10.48 20.79 -9.60
N ASN A 554 10.23 20.04 -10.67
CA ASN A 554 9.98 20.74 -11.92
C ASN A 554 8.71 20.19 -12.57
N TYR A 555 7.58 20.64 -12.05
CA TYR A 555 6.32 20.27 -12.66
C TYR A 555 6.21 20.78 -14.08
N ASN A 556 7.15 21.60 -14.50
CA ASN A 556 7.19 22.02 -15.88
C ASN A 556 7.49 20.80 -16.78
N ASN A 557 8.32 19.88 -16.26
CA ASN A 557 8.83 18.74 -17.00
C ASN A 557 7.90 17.54 -17.02
N ALA A 558 6.69 17.65 -16.46
CA ALA A 558 5.79 16.50 -16.38
C ALA A 558 5.60 15.79 -17.71
N THR A 559 5.70 14.47 -17.67
CA THR A 559 5.52 13.63 -18.86
C THR A 559 4.21 12.86 -18.86
N ALA A 560 3.55 12.73 -17.71
CA ALA A 560 2.29 12.00 -17.61
C ALA A 560 1.25 12.83 -16.88
N LEU A 561 -0.02 12.51 -17.11
CA LEU A 561 -1.12 13.18 -16.43
C LEU A 561 -1.93 12.18 -15.63
N VAL A 562 -2.14 12.48 -14.36
CA VAL A 562 -2.92 11.62 -13.50
C VAL A 562 -4.30 12.20 -13.32
N ILE A 563 -5.32 11.38 -13.39
CA ILE A 563 -6.69 11.84 -13.30
C ILE A 563 -7.44 10.92 -12.35
N THR A 564 -7.81 11.43 -11.19
CA THR A 564 -8.47 10.59 -10.22
C THR A 564 -9.94 10.93 -10.12
N PHE A 565 -10.74 9.92 -9.90
CA PHE A 565 -12.16 10.18 -9.73
C PHE A 565 -12.55 9.55 -8.42
N PRO A 566 -12.30 10.16 -7.35
CA PRO A 566 -12.68 9.55 -6.07
C PRO A 566 -14.17 9.31 -5.96
N VAL A 567 -14.56 8.13 -5.47
CA VAL A 567 -15.96 7.78 -5.34
C VAL A 567 -16.19 7.32 -3.91
N ASN A 568 -17.26 7.77 -3.28
CA ASN A 568 -17.50 7.39 -1.90
C ASN A 568 -17.75 5.90 -1.73
N ASN A 569 -17.11 5.32 -0.72
CA ASN A 569 -17.30 3.92 -0.40
C ASN A 569 -18.08 3.79 0.89
N TYR A 570 -19.06 2.88 0.92
CA TYR A 570 -20.09 2.83 1.95
C TYR A 570 -19.97 1.61 2.87
N TYR A 571 -20.26 1.85 4.14
CA TYR A 571 -20.11 0.93 5.26
C TYR A 571 -21.47 0.40 5.69
N ASN A 572 -21.73 -0.88 5.44
CA ASN A 572 -23.04 -1.50 5.67
C ASN A 572 -24.11 -0.88 4.79
N ASP A 573 -23.92 -1.08 3.48
CA ASP A 573 -24.84 -0.68 2.43
C ASP A 573 -24.49 -1.41 1.15
N THR A 574 -25.47 -2.01 0.50
CA THR A 574 -25.18 -2.86 -0.65
C THR A 574 -25.75 -2.29 -1.94
N GLU A 575 -26.85 -1.56 -1.86
CA GLU A 575 -27.39 -0.94 -3.06
C GLU A 575 -26.44 0.10 -3.61
N LYS A 576 -25.83 0.88 -2.72
CA LYS A 576 -24.90 1.88 -3.19
C LYS A 576 -23.66 1.25 -3.78
N LEU A 577 -23.17 0.18 -3.16
CA LEU A 577 -22.00 -0.47 -3.72
C LEU A 577 -22.33 -1.11 -5.05
N GLN A 578 -23.53 -1.68 -5.17
CA GLN A 578 -23.90 -2.26 -6.46
C GLN A 578 -23.98 -1.18 -7.52
N ARG A 579 -24.54 -0.03 -7.18
CA ARG A 579 -24.61 1.04 -8.16
C ARG A 579 -23.24 1.52 -8.56
N ALA A 580 -22.35 1.66 -7.58
CA ALA A 580 -21.00 2.12 -7.91
C ALA A 580 -20.27 1.10 -8.77
N GLN A 581 -20.37 -0.19 -8.45
CA GLN A 581 -19.65 -1.14 -9.27
C GLN A 581 -20.26 -1.24 -10.65
N ALA A 582 -21.57 -1.10 -10.75
CA ALA A 582 -22.21 -1.09 -12.04
C ALA A 582 -21.78 0.12 -12.85
N TRP A 583 -21.54 1.25 -12.19
CA TRP A 583 -21.02 2.39 -12.91
C TRP A 583 -19.58 2.15 -13.33
N GLU A 584 -18.80 1.51 -12.47
CA GLU A 584 -17.41 1.33 -12.79
C GLU A 584 -17.23 0.39 -13.96
N LYS A 585 -18.11 -0.61 -14.10
CA LYS A 585 -18.01 -1.49 -15.25
C LYS A 585 -18.13 -0.71 -16.55
N GLU A 586 -19.12 0.17 -16.63
CA GLU A 586 -19.26 0.94 -17.85
C GLU A 586 -18.11 1.91 -18.03
N PHE A 587 -17.62 2.48 -16.93
CA PHE A 587 -16.44 3.32 -17.04
C PHE A 587 -15.26 2.58 -17.65
N ILE A 588 -15.03 1.36 -17.18
CA ILE A 588 -13.92 0.57 -17.69
C ILE A 588 -14.11 0.26 -19.15
N ASN A 589 -15.30 -0.19 -19.51
CA ASN A 589 -15.53 -0.53 -20.92
C ASN A 589 -15.29 0.68 -21.81
N PHE A 590 -15.85 1.82 -21.42
CA PHE A 590 -15.64 3.04 -22.19
C PHE A 590 -14.15 3.35 -22.35
N VAL A 591 -13.44 3.43 -21.23
CA VAL A 591 -12.03 3.80 -21.31
C VAL A 591 -11.25 2.81 -22.14
N LYS A 592 -11.66 1.54 -22.10
CA LYS A 592 -10.97 0.52 -22.87
C LYS A 592 -11.19 0.68 -24.36
N ASN A 593 -12.36 1.16 -24.77
CA ASN A 593 -12.66 1.27 -26.20
C ASN A 593 -12.46 2.68 -26.75
N TYR A 594 -12.09 3.62 -25.90
CA TYR A 594 -11.92 4.99 -26.35
C TYR A 594 -10.87 5.06 -27.44
N LYS A 595 -11.17 5.77 -28.51
CA LYS A 595 -10.23 5.91 -29.59
C LYS A 595 -9.72 7.33 -29.72
N ASN A 596 -8.45 7.50 -29.37
CA ASN A 596 -7.77 8.77 -29.48
C ASN A 596 -6.35 8.36 -29.81
N PRO A 597 -6.06 8.16 -31.10
CA PRO A 597 -4.70 7.68 -31.37
C PRO A 597 -3.60 8.59 -30.85
N ASN A 598 -3.94 9.78 -30.35
CA ASN A 598 -2.93 10.69 -29.84
C ASN A 598 -2.52 10.40 -28.40
N LEU A 599 -3.20 9.49 -27.71
CA LEU A 599 -3.04 9.28 -26.28
C LEU A 599 -2.83 7.81 -25.96
N THR A 600 -2.10 7.53 -24.88
CA THR A 600 -1.92 6.16 -24.41
C THR A 600 -2.40 6.08 -22.96
N ILE A 601 -3.59 5.56 -22.77
CA ILE A 601 -4.22 5.57 -21.46
C ILE A 601 -3.95 4.28 -20.71
N SER A 602 -3.63 4.40 -19.43
CA SER A 602 -3.52 3.27 -18.52
C SER A 602 -4.55 3.52 -17.43
N PHE A 603 -5.48 2.61 -17.25
CA PHE A 603 -6.53 2.86 -16.28
C PHE A 603 -6.67 1.73 -15.29
N THR A 604 -7.52 1.94 -14.30
CA THR A 604 -7.86 0.92 -13.31
C THR A 604 -9.22 1.26 -12.73
N ALA A 605 -9.58 0.60 -11.65
CA ALA A 605 -10.79 0.94 -10.91
C ALA A 605 -10.73 0.16 -9.62
N GLU A 606 -11.51 0.58 -8.62
CA GLU A 606 -11.46 -0.13 -7.37
C GLU A 606 -11.98 -1.57 -7.51
N ARG A 607 -12.92 -1.78 -8.43
CA ARG A 607 -13.49 -3.11 -8.63
C ARG A 607 -12.76 -3.95 -9.67
N SER A 608 -11.72 -3.39 -10.26
CA SER A 608 -10.94 -4.08 -11.29
C SER A 608 -10.24 -5.35 -10.82
N ILE A 609 -9.68 -5.32 -9.61
CA ILE A 609 -8.94 -6.48 -9.09
C ILE A 609 -9.81 -7.73 -8.92
N GLU A 610 -10.95 -7.57 -8.27
CA GLU A 610 -11.86 -8.68 -8.02
C GLU A 610 -12.35 -9.25 -9.32
N ASP A 611 -12.69 -8.37 -10.25
CA ASP A 611 -13.18 -8.78 -11.57
C ASP A 611 -12.10 -9.56 -12.30
N GLU A 612 -10.86 -9.10 -12.17
CA GLU A 612 -9.73 -9.76 -12.81
C GLU A 612 -9.53 -11.16 -12.26
N LEU A 613 -9.71 -11.30 -10.94
CA LEU A 613 -9.56 -12.59 -10.31
C LEU A 613 -10.59 -13.57 -10.83
N ASN A 614 -11.83 -13.12 -10.98
CA ASN A 614 -12.87 -13.99 -11.51
C ASN A 614 -12.71 -14.24 -13.01
N ARG A 615 -12.02 -13.34 -13.71
CA ARG A 615 -11.80 -13.60 -15.13
C ARG A 615 -10.61 -14.51 -15.40
N GLU A 616 -9.55 -14.42 -14.61
CA GLU A 616 -8.41 -15.32 -14.72
C GLU A 616 -8.69 -16.68 -14.09
N SER A 617 -9.57 -16.71 -13.10
CA SER A 617 -9.92 -17.94 -12.40
C SER A 617 -10.79 -18.88 -13.23
N ASP A 618 -11.48 -18.35 -14.22
CA ASP A 618 -12.33 -19.20 -15.04
C ASP A 618 -11.67 -19.68 -16.32
N SER A 619 -10.50 -19.15 -16.65
CA SER A 619 -9.82 -19.52 -17.90
C SER A 619 -8.95 -20.77 -17.82
N ASP A 620 -8.83 -21.31 -16.61
CA ASP A 620 -8.05 -22.53 -16.38
C ASP A 620 -8.98 -23.74 -16.30
N VAL A 621 -10.28 -23.48 -16.43
CA VAL A 621 -11.27 -24.55 -16.36
C VAL A 621 -10.95 -25.64 -17.38
N PHE A 622 -10.54 -25.21 -18.57
CA PHE A 622 -10.12 -26.13 -19.62
C PHE A 622 -8.88 -26.90 -19.19
N THR A 623 -7.97 -26.21 -18.50
CA THR A 623 -6.72 -26.81 -18.04
C THR A 623 -6.93 -27.97 -17.07
N VAL A 624 -7.84 -27.84 -16.12
CA VAL A 624 -8.05 -28.96 -15.20
C VAL A 624 -8.69 -30.13 -15.93
N VAL A 625 -9.56 -29.85 -16.90
CA VAL A 625 -10.19 -30.95 -17.62
C VAL A 625 -9.16 -31.70 -18.47
N ILE A 626 -8.26 -30.96 -19.14
CA ILE A 626 -7.24 -31.62 -19.95
C ILE A 626 -6.24 -32.43 -19.13
N SER A 627 -5.94 -31.96 -17.91
CA SER A 627 -5.01 -32.66 -17.04
C SER A 627 -5.52 -34.04 -16.70
N TYR A 628 -6.81 -34.15 -16.38
CA TYR A 628 -7.39 -35.44 -16.08
C TYR A 628 -7.46 -36.29 -17.33
N ALA A 629 -7.68 -35.67 -18.49
CA ALA A 629 -7.70 -36.49 -19.69
C ALA A 629 -6.36 -37.16 -19.94
N ILE A 630 -5.27 -36.41 -19.78
CA ILE A 630 -3.95 -37.00 -19.99
C ILE A 630 -3.59 -37.99 -18.89
N MET A 631 -3.95 -37.69 -17.64
CA MET A 631 -3.75 -38.64 -16.57
C MET A 631 -4.43 -39.96 -16.87
N PHE A 632 -5.67 -39.90 -17.35
CA PHE A 632 -6.38 -41.13 -17.63
C PHE A 632 -5.70 -41.86 -18.77
N LEU A 633 -5.22 -41.12 -19.77
CA LEU A 633 -4.51 -41.78 -20.85
C LEU A 633 -3.29 -42.54 -20.33
N TYR A 634 -2.47 -41.90 -19.51
CA TYR A 634 -1.30 -42.60 -18.97
C TYR A 634 -1.68 -43.78 -18.10
N ILE A 635 -2.63 -43.60 -17.21
CA ILE A 635 -3.02 -44.67 -16.30
C ILE A 635 -3.53 -45.87 -17.08
N SER A 636 -4.28 -45.60 -18.14
CA SER A 636 -4.88 -46.63 -18.96
C SER A 636 -3.86 -47.53 -19.63
N LEU A 637 -2.76 -46.95 -20.11
CA LEU A 637 -1.77 -47.75 -20.81
C LEU A 637 -0.66 -48.27 -19.92
N ALA A 638 -0.37 -47.59 -18.82
CA ALA A 638 0.79 -48.06 -18.08
C ALA A 638 0.44 -49.00 -17.00
N LEU A 639 -0.80 -48.94 -16.52
CA LEU A 639 -1.25 -49.81 -15.44
C LEU A 639 -1.23 -51.26 -15.94
N GLY A 640 -0.06 -51.87 -15.88
CA GLY A 640 0.08 -53.24 -16.35
C GLY A 640 0.26 -53.44 -17.83
N HIS A 641 1.28 -54.22 -18.21
CA HIS A 641 1.47 -54.63 -19.59
C HIS A 641 2.63 -55.63 -19.68
N VAL A 650 -5.78 -58.09 -24.65
CA VAL A 650 -6.56 -57.24 -23.76
C VAL A 650 -6.04 -57.39 -22.34
N ASP A 651 -4.76 -57.10 -22.15
CA ASP A 651 -4.13 -57.07 -20.84
C ASP A 651 -4.25 -55.65 -20.29
N SER A 652 -5.27 -54.92 -20.74
CA SER A 652 -5.44 -53.52 -20.40
C SER A 652 -6.40 -53.35 -19.24
N LYS A 653 -6.06 -52.39 -18.38
CA LYS A 653 -6.79 -52.05 -17.17
C LYS A 653 -7.53 -50.73 -17.32
N VAL A 654 -8.09 -50.48 -18.49
CA VAL A 654 -8.76 -49.21 -18.77
C VAL A 654 -9.94 -49.09 -17.83
N SER A 655 -10.64 -50.18 -17.61
CA SER A 655 -11.79 -50.13 -16.72
C SER A 655 -11.37 -49.72 -15.33
N LEU A 656 -10.23 -50.22 -14.88
CA LEU A 656 -9.77 -49.85 -13.55
C LEU A 656 -9.26 -48.42 -13.50
N GLY A 657 -8.62 -47.95 -14.57
CA GLY A 657 -8.20 -46.56 -14.58
C GLY A 657 -9.39 -45.61 -14.57
N ILE A 658 -10.43 -45.93 -15.32
CA ILE A 658 -11.63 -45.12 -15.24
C ILE A 658 -12.22 -45.17 -13.84
N ALA A 659 -12.26 -46.35 -13.21
CA ALA A 659 -12.81 -46.41 -11.86
C ALA A 659 -12.02 -45.56 -10.90
N GLY A 660 -10.69 -45.56 -11.04
CA GLY A 660 -9.88 -44.74 -10.17
C GLY A 660 -10.09 -43.25 -10.39
N ILE A 661 -10.16 -42.83 -11.64
CA ILE A 661 -10.41 -41.42 -11.89
C ILE A 661 -11.76 -40.98 -11.31
N LEU A 662 -12.80 -41.78 -11.51
CA LEU A 662 -14.09 -41.40 -10.93
C LEU A 662 -14.04 -41.39 -9.41
N ILE A 663 -13.34 -42.34 -8.81
CA ILE A 663 -13.24 -42.29 -7.37
C ILE A 663 -12.54 -41.00 -6.94
N VAL A 664 -11.51 -40.58 -7.66
CA VAL A 664 -10.81 -39.35 -7.27
C VAL A 664 -11.73 -38.13 -7.37
N LEU A 665 -12.41 -37.95 -8.50
CA LEU A 665 -13.33 -36.81 -8.56
C LEU A 665 -14.41 -36.92 -7.52
N SER A 666 -14.85 -38.13 -7.21
CA SER A 666 -15.85 -38.28 -6.17
C SER A 666 -15.31 -37.79 -4.84
N SER A 667 -14.06 -38.10 -4.55
CA SER A 667 -13.46 -37.62 -3.30
C SER A 667 -13.36 -36.11 -3.27
N VAL A 668 -12.93 -35.51 -4.38
CA VAL A 668 -12.87 -34.05 -4.47
C VAL A 668 -14.23 -33.44 -4.19
N ALA A 669 -15.23 -33.86 -4.96
CA ALA A 669 -16.56 -33.31 -4.79
C ALA A 669 -17.07 -33.56 -3.40
N CYS A 670 -16.76 -34.70 -2.81
CA CYS A 670 -17.28 -34.98 -1.49
C CYS A 670 -16.69 -34.03 -0.46
N SER A 671 -15.41 -33.75 -0.55
CA SER A 671 -14.82 -32.76 0.36
C SER A 671 -15.49 -31.40 0.17
N LEU A 672 -15.56 -30.94 -1.08
CA LEU A 672 -16.17 -29.64 -1.33
C LEU A 672 -17.58 -29.57 -0.76
N GLY A 673 -18.34 -30.63 -0.92
CA GLY A 673 -19.73 -30.56 -0.50
C GLY A 673 -19.87 -30.60 0.99
N VAL A 674 -19.11 -31.46 1.66
CA VAL A 674 -19.17 -31.49 3.11
C VAL A 674 -18.77 -30.15 3.70
N PHE A 675 -17.69 -29.54 3.20
CA PHE A 675 -17.29 -28.27 3.81
C PHE A 675 -18.23 -27.13 3.42
N SER A 676 -18.91 -27.25 2.28
CA SER A 676 -19.93 -26.26 1.98
C SER A 676 -21.06 -26.39 2.97
N TYR A 677 -21.48 -27.62 3.24
CA TYR A 677 -22.45 -27.84 4.31
C TYR A 677 -21.98 -27.15 5.58
N ILE A 678 -20.75 -27.38 6.00
CA ILE A 678 -20.25 -26.73 7.22
C ILE A 678 -20.27 -25.21 7.12
N GLY A 679 -20.13 -24.65 5.92
CA GLY A 679 -20.21 -23.22 5.72
C GLY A 679 -18.95 -22.52 5.23
N LEU A 680 -17.93 -23.27 4.90
CA LEU A 680 -16.71 -22.68 4.39
C LEU A 680 -16.88 -22.35 2.91
N PRO A 681 -16.64 -21.11 2.49
CA PRO A 681 -16.87 -20.76 1.09
C PRO A 681 -15.73 -21.11 0.16
N LEU A 682 -16.10 -21.31 -1.09
CA LEU A 682 -15.14 -21.69 -2.11
C LEU A 682 -14.41 -20.48 -2.66
N THR A 683 -13.13 -20.64 -2.98
CA THR A 683 -12.32 -19.56 -3.55
C THR A 683 -12.14 -19.68 -5.06
N LEU A 684 -12.75 -20.71 -5.65
CA LEU A 684 -12.67 -20.99 -7.07
C LEU A 684 -11.25 -21.09 -7.60
N ILE A 685 -10.28 -20.54 -6.87
CA ILE A 685 -8.88 -20.81 -7.17
C ILE A 685 -8.53 -22.19 -6.61
N VAL A 686 -8.99 -22.44 -5.38
CA VAL A 686 -8.82 -23.77 -4.82
C VAL A 686 -9.47 -24.78 -5.74
N ILE A 687 -10.71 -24.53 -6.14
CA ILE A 687 -11.44 -25.50 -6.93
C ILE A 687 -10.63 -25.91 -8.15
N GLU A 688 -9.54 -25.20 -8.42
CA GLU A 688 -8.71 -25.49 -9.57
C GLU A 688 -7.34 -26.07 -9.21
N VAL A 689 -6.84 -25.76 -8.02
CA VAL A 689 -5.54 -26.27 -7.62
C VAL A 689 -5.65 -27.51 -6.76
N ILE A 690 -6.84 -27.79 -6.22
CA ILE A 690 -7.06 -28.93 -5.33
C ILE A 690 -7.16 -30.23 -6.13
N PRO A 691 -7.90 -30.26 -7.22
CA PRO A 691 -8.00 -31.51 -7.99
C PRO A 691 -6.65 -32.10 -8.36
N PHE A 692 -5.73 -31.29 -8.84
CA PHE A 692 -4.42 -31.80 -9.20
C PHE A 692 -3.77 -32.55 -8.04
N LEU A 693 -3.68 -31.92 -6.87
CA LEU A 693 -3.03 -32.57 -5.74
C LEU A 693 -3.71 -33.89 -5.40
N VAL A 694 -5.03 -33.86 -5.30
CA VAL A 694 -5.73 -35.05 -4.87
C VAL A 694 -5.54 -36.16 -5.90
N LEU A 695 -5.54 -35.78 -7.18
CA LEU A 695 -5.29 -36.73 -8.25
C LEU A 695 -3.92 -37.38 -8.13
N ALA A 696 -2.90 -36.57 -7.86
CA ALA A 696 -1.59 -37.16 -7.72
C ALA A 696 -1.59 -38.27 -6.68
N VAL A 697 -2.04 -37.93 -5.48
CA VAL A 697 -1.95 -38.91 -4.39
C VAL A 697 -2.83 -40.14 -4.66
N GLY A 698 -4.07 -39.93 -5.12
CA GLY A 698 -4.93 -41.07 -5.32
C GLY A 698 -4.42 -42.04 -6.36
N VAL A 699 -3.91 -41.51 -7.47
CA VAL A 699 -3.39 -42.39 -8.50
C VAL A 699 -2.17 -43.16 -7.99
N ASP A 700 -1.34 -42.51 -7.20
CA ASP A 700 -0.21 -43.26 -6.67
C ASP A 700 -0.66 -44.46 -5.86
N ASN A 701 -1.64 -44.27 -4.98
CA ASN A 701 -2.08 -45.38 -4.16
C ASN A 701 -2.67 -46.51 -5.00
N ILE A 702 -3.49 -46.15 -5.98
CA ILE A 702 -4.10 -47.16 -6.84
C ILE A 702 -3.02 -48.00 -7.51
N PHE A 703 -1.99 -47.35 -8.05
CA PHE A 703 -0.95 -48.12 -8.75
C PHE A 703 -0.22 -49.04 -7.80
N ILE A 704 0.16 -48.56 -6.62
CA ILE A 704 0.79 -49.46 -5.66
C ILE A 704 0.01 -50.76 -5.53
N LEU A 705 -1.28 -50.64 -5.21
CA LEU A 705 -2.02 -51.88 -4.94
C LEU A 705 -2.12 -52.76 -6.18
N VAL A 706 -2.57 -52.18 -7.29
CA VAL A 706 -2.83 -53.01 -8.45
C VAL A 706 -1.56 -53.72 -8.89
N GLN A 707 -0.42 -53.03 -8.84
CA GLN A 707 0.78 -53.67 -9.35
C GLN A 707 1.29 -54.74 -8.39
N ALA A 708 1.20 -54.51 -7.10
CA ALA A 708 1.60 -55.59 -6.20
C ALA A 708 0.74 -56.83 -6.43
N TYR A 709 -0.51 -56.62 -6.79
CA TYR A 709 -1.33 -57.78 -7.07
C TYR A 709 -0.87 -58.41 -8.36
N GLN A 710 -0.67 -57.60 -9.40
CA GLN A 710 -0.29 -58.18 -10.68
C GLN A 710 0.98 -59.00 -10.53
N ARG A 711 1.88 -58.58 -9.63
CA ARG A 711 3.12 -59.33 -9.52
C ARG A 711 2.99 -60.44 -8.48
N ASP A 712 1.78 -60.67 -7.97
CA ASP A 712 1.64 -61.70 -6.96
C ASP A 712 1.14 -62.96 -7.66
N GLU A 713 1.74 -64.09 -7.29
CA GLU A 713 1.38 -65.40 -7.84
C GLU A 713 0.44 -66.14 -6.89
N ARG A 714 -0.57 -66.78 -7.48
CA ARG A 714 -1.56 -67.48 -6.67
C ARG A 714 -1.15 -68.88 -6.23
N LEU A 715 -1.23 -69.09 -4.92
CA LEU A 715 -0.92 -70.37 -4.30
C LEU A 715 -1.71 -71.55 -4.85
N GLN A 716 -1.97 -72.54 -4.00
CA GLN A 716 -2.66 -73.73 -4.44
C GLN A 716 -4.13 -73.35 -4.54
N GLY A 717 -5.04 -74.31 -4.57
CA GLY A 717 -6.39 -73.88 -4.85
C GLY A 717 -6.84 -72.74 -3.95
N GLU A 718 -6.63 -71.53 -4.42
CA GLU A 718 -7.03 -70.31 -3.72
C GLU A 718 -8.00 -69.70 -4.70
N THR A 719 -9.19 -69.27 -4.26
CA THR A 719 -10.10 -68.79 -5.27
C THR A 719 -9.70 -67.37 -5.62
N LEU A 720 -10.08 -66.40 -4.81
CA LEU A 720 -9.79 -65.03 -5.21
C LEU A 720 -9.52 -64.20 -3.97
N ASP A 721 -10.40 -64.41 -3.00
CA ASP A 721 -10.37 -63.73 -1.72
C ASP A 721 -9.08 -64.00 -0.95
N GLN A 722 -8.60 -65.25 -0.95
CA GLN A 722 -7.37 -65.47 -0.21
C GLN A 722 -6.22 -64.70 -0.83
N GLN A 723 -6.13 -64.72 -2.16
CA GLN A 723 -5.09 -63.97 -2.85
C GLN A 723 -5.19 -62.47 -2.58
N LEU A 724 -6.40 -61.93 -2.63
CA LEU A 724 -6.54 -60.49 -2.40
C LEU A 724 -6.25 -60.13 -0.94
N GLY A 725 -6.66 -60.97 0.00
CA GLY A 725 -6.33 -60.68 1.39
C GLY A 725 -4.85 -60.71 1.65
N ARG A 726 -4.14 -61.65 1.04
CA ARG A 726 -2.69 -61.70 1.20
C ARG A 726 -2.03 -60.47 0.60
N VAL A 727 -2.46 -60.07 -0.60
CA VAL A 727 -1.88 -58.91 -1.24
C VAL A 727 -2.17 -57.65 -0.44
N LEU A 728 -3.38 -57.52 0.05
CA LEU A 728 -3.71 -56.31 0.79
C LEU A 728 -3.01 -56.28 2.14
N GLY A 729 -2.85 -57.43 2.77
CA GLY A 729 -2.14 -57.41 4.02
C GLY A 729 -0.67 -57.09 3.86
N GLU A 730 -0.09 -57.41 2.71
CA GLU A 730 1.32 -57.04 2.60
C GLU A 730 1.56 -55.67 1.97
N VAL A 731 0.54 -55.10 1.32
CA VAL A 731 0.74 -53.79 0.67
C VAL A 731 0.05 -52.65 1.40
N ALA A 732 -0.89 -52.93 2.27
CA ALA A 732 -1.70 -51.85 2.80
C ALA A 732 -0.95 -51.01 3.81
N PRO A 733 -0.14 -51.57 4.69
CA PRO A 733 0.55 -50.71 5.64
C PRO A 733 1.32 -49.59 4.96
N SER A 734 1.95 -49.84 3.81
CA SER A 734 2.73 -48.80 3.16
C SER A 734 1.83 -47.71 2.57
N MET A 735 0.82 -48.12 1.79
CA MET A 735 -0.10 -47.13 1.22
C MET A 735 -0.81 -46.36 2.32
N PHE A 736 -1.13 -47.03 3.41
CA PHE A 736 -1.79 -46.37 4.51
C PHE A 736 -0.86 -45.36 5.13
N LEU A 737 0.41 -45.70 5.28
CA LEU A 737 1.38 -44.72 5.77
C LEU A 737 1.44 -43.50 4.88
N SER A 738 1.56 -43.68 3.58
CA SER A 738 1.65 -42.51 2.72
C SER A 738 0.40 -41.66 2.84
N SER A 739 -0.77 -42.28 2.71
CA SER A 739 -2.01 -41.51 2.75
C SER A 739 -2.21 -40.82 4.08
N PHE A 740 -1.88 -41.46 5.18
CA PHE A 740 -2.12 -40.83 6.46
C PHE A 740 -1.11 -39.72 6.71
N SER A 741 0.13 -39.93 6.30
CA SER A 741 1.12 -38.88 6.48
C SER A 741 0.70 -37.66 5.69
N GLU A 742 0.15 -37.84 4.49
CA GLU A 742 -0.26 -36.69 3.70
C GLU A 742 -1.48 -36.01 4.31
N THR A 743 -2.45 -36.78 4.76
CA THR A 743 -3.60 -36.13 5.37
C THR A 743 -3.16 -35.27 6.55
N VAL A 744 -2.35 -35.82 7.45
CA VAL A 744 -1.91 -35.01 8.57
C VAL A 744 -1.09 -33.83 8.10
N ALA A 745 -0.21 -34.01 7.12
CA ALA A 745 0.57 -32.88 6.63
C ALA A 745 -0.34 -31.76 6.18
N PHE A 746 -1.34 -32.07 5.36
CA PHE A 746 -2.22 -31.03 4.85
C PHE A 746 -2.98 -30.37 5.99
N PHE A 747 -3.69 -31.15 6.79
CA PHE A 747 -4.44 -30.54 7.86
C PHE A 747 -3.57 -29.64 8.72
N LEU A 748 -2.40 -30.11 9.13
CA LEU A 748 -1.52 -29.26 9.92
C LEU A 748 -1.06 -28.05 9.18
N GLY A 749 -0.84 -28.11 7.88
CA GLY A 749 -0.53 -26.89 7.19
C GLY A 749 -1.74 -25.98 7.16
N ALA A 750 -2.92 -26.52 7.45
CA ALA A 750 -4.09 -25.67 7.61
C ALA A 750 -4.22 -25.06 9.00
N LEU A 751 -3.18 -24.44 9.53
CA LEU A 751 -3.32 -23.74 10.79
C LEU A 751 -2.87 -22.29 10.69
N SER A 752 -2.29 -21.93 9.54
CA SER A 752 -1.78 -20.58 9.27
C SER A 752 -2.92 -19.56 9.20
N VAL A 753 -2.62 -18.29 9.53
CA VAL A 753 -3.66 -17.28 9.55
C VAL A 753 -3.71 -16.57 8.21
N MET A 754 -4.52 -17.09 7.33
CA MET A 754 -4.76 -16.47 6.05
C MET A 754 -5.98 -17.24 5.58
N PRO A 755 -7.09 -16.61 5.34
CA PRO A 755 -8.28 -17.38 4.96
C PRO A 755 -8.19 -18.17 3.67
N ALA A 756 -7.34 -17.76 2.74
CA ALA A 756 -7.28 -18.49 1.49
C ALA A 756 -6.51 -19.78 1.64
N VAL A 757 -5.39 -19.72 2.35
CA VAL A 757 -4.60 -20.93 2.52
C VAL A 757 -5.26 -21.78 3.57
N HIS A 758 -5.87 -21.18 4.57
CA HIS A 758 -6.54 -21.97 5.60
C HIS A 758 -7.62 -22.82 4.97
N THR A 759 -8.55 -22.20 4.27
CA THR A 759 -9.63 -23.00 3.70
C THR A 759 -9.10 -24.00 2.68
N PHE A 760 -8.17 -23.58 1.81
CA PHE A 760 -7.63 -24.52 0.83
C PHE A 760 -7.00 -25.73 1.50
N SER A 761 -6.19 -25.49 2.53
CA SER A 761 -5.58 -26.61 3.21
C SER A 761 -6.63 -27.54 3.76
N LEU A 762 -7.64 -27.02 4.45
CA LEU A 762 -8.67 -27.93 4.95
C LEU A 762 -9.24 -28.76 3.82
N PHE A 763 -9.69 -28.10 2.76
CA PHE A 763 -10.30 -28.83 1.66
C PHE A 763 -9.40 -29.95 1.16
N ALA A 764 -8.13 -29.64 0.91
CA ALA A 764 -7.26 -30.65 0.31
C ALA A 764 -7.00 -31.79 1.27
N GLY A 765 -6.80 -31.48 2.54
CA GLY A 765 -6.64 -32.54 3.52
C GLY A 765 -7.81 -33.48 3.56
N LEU A 766 -9.02 -32.93 3.66
CA LEU A 766 -10.17 -33.82 3.72
C LEU A 766 -10.30 -34.62 2.46
N ALA A 767 -10.02 -34.02 1.31
CA ALA A 767 -10.18 -34.77 0.08
C ALA A 767 -9.22 -35.94 0.04
N VAL A 768 -7.96 -35.73 0.46
CA VAL A 768 -7.02 -36.85 0.45
C VAL A 768 -7.47 -37.95 1.38
N PHE A 769 -7.90 -37.60 2.58
CA PHE A 769 -8.30 -38.65 3.51
C PHE A 769 -9.50 -39.43 3.01
N ILE A 770 -10.56 -38.72 2.62
CA ILE A 770 -11.72 -39.44 2.14
C ILE A 770 -11.41 -40.24 0.90
N ASP A 771 -10.57 -39.71 0.01
CA ASP A 771 -10.25 -40.48 -1.17
C ASP A 771 -9.48 -41.73 -0.82
N PHE A 772 -8.52 -41.64 0.08
CA PHE A 772 -7.85 -42.84 0.51
C PHE A 772 -8.81 -43.87 1.07
N LEU A 773 -9.69 -43.44 1.96
CA LEU A 773 -10.60 -44.40 2.57
C LEU A 773 -11.50 -45.03 1.53
N LEU A 774 -12.20 -44.19 0.78
CA LEU A 774 -13.10 -44.67 -0.26
C LEU A 774 -12.37 -45.54 -1.25
N GLN A 775 -11.17 -45.14 -1.63
CA GLN A 775 -10.39 -45.97 -2.52
C GLN A 775 -10.19 -47.34 -1.92
N ILE A 776 -9.51 -47.42 -0.79
CA ILE A 776 -9.16 -48.72 -0.26
C ILE A 776 -10.40 -49.61 -0.20
N THR A 777 -11.57 -49.02 0.04
CA THR A 777 -12.74 -49.88 0.22
C THR A 777 -13.45 -50.15 -1.09
N CYS A 778 -13.97 -49.12 -1.73
CA CYS A 778 -14.71 -49.39 -2.94
C CYS A 778 -13.80 -50.02 -3.96
N PHE A 779 -12.58 -49.50 -4.09
CA PHE A 779 -11.67 -49.98 -5.11
C PHE A 779 -11.14 -51.38 -4.85
N VAL A 780 -11.00 -51.84 -3.60
CA VAL A 780 -10.55 -53.22 -3.51
C VAL A 780 -11.66 -54.17 -3.97
N SER A 781 -12.90 -53.86 -3.62
CA SER A 781 -14.02 -54.65 -4.12
C SER A 781 -14.11 -54.61 -5.64
N LEU A 782 -13.99 -53.41 -6.23
CA LEU A 782 -14.10 -53.32 -7.67
C LEU A 782 -12.94 -54.03 -8.34
N LEU A 783 -11.81 -54.09 -7.64
CA LEU A 783 -10.68 -54.83 -8.16
C LEU A 783 -10.98 -56.32 -8.13
N GLY A 784 -11.63 -56.78 -7.08
CA GLY A 784 -12.09 -58.16 -7.06
C GLY A 784 -13.02 -58.47 -8.21
N LEU A 785 -13.99 -57.59 -8.48
CA LEU A 785 -14.88 -57.87 -9.59
C LEU A 785 -14.13 -57.92 -10.91
N ASP A 786 -13.21 -57.00 -11.13
CA ASP A 786 -12.52 -57.05 -12.41
C ASP A 786 -11.52 -58.21 -12.50
N ILE A 787 -10.92 -58.60 -11.39
CA ILE A 787 -10.06 -59.78 -11.37
C ILE A 787 -10.85 -61.05 -11.64
N LYS A 788 -12.02 -61.22 -11.03
CA LYS A 788 -12.82 -62.35 -11.44
C LYS A 788 -13.04 -62.24 -12.93
N ARG A 789 -13.50 -61.10 -13.39
CA ARG A 789 -13.59 -60.87 -14.82
C ARG A 789 -12.18 -61.02 -15.35
N GLN A 790 -12.04 -61.13 -16.66
CA GLN A 790 -10.77 -61.33 -17.36
C GLN A 790 -10.22 -62.72 -17.09
N GLU A 791 -10.60 -63.37 -16.00
CA GLU A 791 -10.18 -64.74 -15.77
C GLU A 791 -11.07 -65.68 -16.55
N LYS A 792 -11.85 -65.13 -17.48
CA LYS A 792 -12.71 -65.90 -18.36
C LYS A 792 -12.60 -65.51 -19.84
N ASN A 793 -11.67 -64.63 -20.20
CA ASN A 793 -11.56 -64.12 -21.56
C ASN A 793 -12.86 -63.46 -22.01
N ARG A 794 -13.25 -62.42 -21.28
CA ARG A 794 -14.48 -61.72 -21.59
C ARG A 794 -14.27 -60.32 -22.19
N SER A 815 7.93 -57.74 -16.12
CA SER A 815 7.92 -56.29 -16.25
C SER A 815 9.24 -55.80 -16.81
N CYS A 816 9.21 -54.66 -17.49
CA CYS A 816 10.42 -54.14 -18.12
C CYS A 816 11.15 -53.18 -17.21
N LEU A 817 10.44 -52.47 -16.34
CA LEU A 817 11.12 -51.59 -15.40
C LEU A 817 11.75 -52.42 -14.29
N PHE A 818 10.95 -53.28 -13.69
CA PHE A 818 11.43 -54.14 -12.63
C PHE A 818 12.62 -54.98 -13.09
N ARG A 819 12.58 -55.38 -14.36
CA ARG A 819 13.69 -56.11 -14.95
C ARG A 819 14.94 -55.25 -14.94
N PHE A 820 14.77 -53.95 -15.15
CA PHE A 820 15.92 -53.07 -15.29
C PHE A 820 16.51 -52.79 -13.94
N PHE A 821 15.64 -52.41 -12.99
CA PHE A 821 16.13 -52.03 -11.69
C PHE A 821 16.89 -53.18 -11.08
N LYS A 822 16.32 -54.38 -11.12
CA LYS A 822 17.04 -55.52 -10.57
C LYS A 822 18.26 -55.95 -11.36
N ASN A 823 18.17 -56.06 -12.68
CA ASN A 823 19.28 -56.55 -13.48
C ASN A 823 20.51 -55.64 -13.58
N SER A 824 20.35 -54.35 -13.85
CA SER A 824 21.53 -53.51 -14.06
C SER A 824 21.64 -52.23 -13.25
N TYR A 825 20.59 -51.79 -12.56
CA TYR A 825 20.66 -50.51 -11.85
C TYR A 825 20.95 -50.67 -10.38
N SER A 826 20.25 -51.55 -9.71
CA SER A 826 20.54 -51.68 -8.29
C SER A 826 21.99 -52.04 -8.07
N PRO A 827 22.54 -53.00 -8.81
CA PRO A 827 23.96 -53.33 -8.60
C PRO A 827 24.88 -52.18 -8.90
N LEU A 828 24.66 -51.48 -10.03
CA LEU A 828 25.49 -50.35 -10.41
C LEU A 828 25.50 -49.25 -9.36
N LEU A 829 24.32 -48.79 -8.97
CA LEU A 829 24.20 -47.68 -8.06
C LEU A 829 24.91 -47.98 -6.76
N LEU A 830 24.98 -49.26 -6.41
CA LEU A 830 25.47 -49.69 -5.10
C LEU A 830 26.93 -50.12 -5.15
N LYS A 831 27.60 -49.84 -6.27
CA LYS A 831 29.01 -50.18 -6.29
C LYS A 831 29.70 -49.44 -5.14
N ASP A 832 30.88 -49.90 -4.78
CA ASP A 832 31.64 -49.31 -3.68
C ASP A 832 32.08 -47.87 -3.88
N TRP A 833 32.45 -47.54 -5.12
CA TRP A 833 33.03 -46.23 -5.41
C TRP A 833 31.98 -45.23 -5.85
N MET A 834 30.93 -45.67 -6.53
CA MET A 834 29.91 -44.72 -6.93
C MET A 834 29.16 -44.20 -5.72
N ARG A 835 29.02 -45.02 -4.69
CA ARG A 835 28.30 -44.60 -3.49
C ARG A 835 28.92 -43.40 -2.78
N PRO A 836 30.21 -43.38 -2.50
CA PRO A 836 30.79 -42.17 -1.91
C PRO A 836 30.67 -40.92 -2.76
N ILE A 837 30.88 -41.01 -4.08
CA ILE A 837 30.69 -39.80 -4.87
C ILE A 837 29.25 -39.33 -4.77
N VAL A 838 28.28 -40.22 -4.89
CA VAL A 838 26.90 -39.79 -4.82
C VAL A 838 26.60 -39.13 -3.49
N ILE A 839 27.04 -39.74 -2.39
CA ILE A 839 26.74 -39.13 -1.10
C ILE A 839 27.39 -37.77 -1.01
N ALA A 840 28.62 -37.65 -1.50
CA ALA A 840 29.30 -36.36 -1.47
C ALA A 840 28.53 -35.33 -2.27
N ILE A 841 28.10 -35.68 -3.47
CA ILE A 841 27.39 -34.70 -4.28
C ILE A 841 26.13 -34.23 -3.59
N PHE A 842 25.38 -35.14 -2.98
CA PHE A 842 24.12 -34.69 -2.40
C PHE A 842 24.36 -33.85 -1.16
N VAL A 843 25.35 -34.20 -0.36
CA VAL A 843 25.62 -33.32 0.77
C VAL A 843 26.12 -31.98 0.28
N GLY A 844 26.84 -31.93 -0.83
CA GLY A 844 27.26 -30.64 -1.34
C GLY A 844 26.10 -29.77 -1.78
N VAL A 845 25.15 -30.37 -2.50
CA VAL A 845 23.98 -29.60 -2.88
C VAL A 845 23.23 -29.14 -1.66
N LEU A 846 23.17 -29.97 -0.63
CA LEU A 846 22.49 -29.54 0.59
C LEU A 846 23.20 -28.37 1.23
N SER A 847 24.53 -28.37 1.21
CA SER A 847 25.24 -27.23 1.78
C SER A 847 24.95 -25.96 0.98
N PHE A 848 24.94 -26.06 -0.33
CA PHE A 848 24.58 -24.92 -1.15
C PHE A 848 23.20 -24.39 -0.79
N SER A 849 22.25 -25.30 -0.68
CA SER A 849 20.87 -24.91 -0.38
C SER A 849 20.78 -24.21 0.97
N ILE A 850 21.51 -24.72 1.95
CA ILE A 850 21.52 -24.11 3.26
C ILE A 850 22.22 -22.77 3.26
N ALA A 851 23.18 -22.59 2.36
CA ALA A 851 23.95 -21.35 2.25
C ALA A 851 23.12 -20.21 1.68
N VAL A 852 22.33 -20.50 0.65
CA VAL A 852 21.60 -19.44 -0.04
C VAL A 852 20.22 -19.32 0.54
N LEU A 853 20.05 -19.80 1.77
CA LEU A 853 18.73 -19.86 2.36
C LEU A 853 18.20 -18.49 2.73
N ASN A 854 18.98 -17.67 3.41
CA ASN A 854 18.47 -16.40 3.92
C ASN A 854 18.20 -15.35 2.85
N LYS A 855 18.48 -15.70 1.61
CA LYS A 855 18.44 -14.73 0.53
C LYS A 855 17.14 -14.86 -0.27
N VAL A 856 16.13 -15.42 0.36
CA VAL A 856 14.82 -15.61 -0.25
C VAL A 856 13.99 -14.34 -0.07
N ASP A 857 13.22 -14.01 -1.10
CA ASP A 857 12.40 -12.82 -1.09
C ASP A 857 11.29 -12.98 -0.07
N ILE A 858 10.71 -11.86 0.36
CA ILE A 858 9.59 -11.87 1.27
C ILE A 858 8.48 -11.04 0.67
N GLY A 859 7.34 -11.67 0.45
CA GLY A 859 6.18 -10.97 -0.04
C GLY A 859 5.79 -11.39 -1.43
N LEU A 860 4.69 -10.86 -1.94
CA LEU A 860 4.23 -11.22 -3.27
C LEU A 860 4.19 -9.97 -4.13
N ASP A 861 4.61 -10.11 -5.38
CA ASP A 861 4.81 -8.96 -6.25
C ASP A 861 3.57 -8.09 -6.44
N GLN A 862 2.38 -8.68 -6.56
CA GLN A 862 1.14 -7.92 -6.76
C GLN A 862 0.91 -7.56 -8.21
N SER A 863 1.84 -7.88 -9.08
CA SER A 863 1.61 -7.61 -10.48
C SER A 863 1.61 -8.92 -11.23
N LEU A 864 2.14 -9.94 -10.56
CA LEU A 864 2.19 -11.28 -11.12
C LEU A 864 0.95 -12.08 -10.78
N SER A 865 0.13 -11.60 -9.86
CA SER A 865 -1.09 -12.33 -9.56
C SER A 865 -2.14 -12.16 -10.65
N MET A 866 -1.87 -11.32 -11.63
CA MET A 866 -2.78 -11.05 -12.72
C MET A 866 -2.32 -11.78 -13.97
N PRO A 867 -3.22 -12.19 -14.85
CA PRO A 867 -2.76 -12.77 -16.12
C PRO A 867 -1.88 -11.79 -16.87
N ASP A 868 -1.23 -12.27 -17.93
CA ASP A 868 -0.35 -11.43 -18.74
C ASP A 868 -1.14 -10.50 -19.68
N ASP A 869 -2.30 -10.96 -20.13
CA ASP A 869 -3.15 -10.18 -21.05
C ASP A 869 -4.11 -9.21 -20.37
N SER A 870 -3.84 -8.88 -19.11
CA SER A 870 -4.67 -7.94 -18.36
C SER A 870 -4.14 -6.50 -18.40
N TYR A 871 -5.04 -5.52 -18.37
CA TYR A 871 -4.64 -4.12 -18.37
C TYR A 871 -4.13 -3.65 -17.02
N MET A 872 -4.37 -4.42 -15.96
CA MET A 872 -3.85 -4.04 -14.65
C MET A 872 -2.34 -4.20 -14.60
N VAL A 873 -1.80 -5.15 -15.35
CA VAL A 873 -0.35 -5.27 -15.43
C VAL A 873 0.24 -4.01 -16.06
N ASP A 874 -0.35 -3.54 -17.14
CA ASP A 874 0.14 -2.32 -17.76
C ASP A 874 0.00 -1.16 -16.80
N TYR A 875 -1.09 -1.12 -16.04
CA TYR A 875 -1.22 -0.03 -15.09
C TYR A 875 -0.15 -0.07 -14.02
N PHE A 876 0.21 -1.25 -13.53
CA PHE A 876 1.25 -1.33 -12.51
C PHE A 876 2.61 -0.93 -13.06
N LYS A 877 2.92 -1.40 -14.27
CA LYS A 877 4.16 -0.94 -14.92
C LYS A 877 4.17 0.57 -15.05
N SER A 878 3.06 1.15 -15.49
CA SER A 878 2.98 2.59 -15.67
C SER A 878 3.17 3.33 -14.36
N ILE A 879 2.52 2.86 -13.30
CA ILE A 879 2.75 3.46 -11.98
C ILE A 879 4.23 3.48 -11.66
N SER A 880 4.84 2.31 -11.64
CA SER A 880 6.22 2.20 -11.22
C SER A 880 7.11 3.09 -12.07
N GLN A 881 6.69 3.35 -13.29
CA GLN A 881 7.53 4.13 -14.18
C GLN A 881 7.25 5.62 -14.12
N TYR A 882 6.04 6.03 -13.71
CA TYR A 882 5.70 7.45 -13.79
C TYR A 882 5.29 8.10 -12.47
N LEU A 883 4.50 7.44 -11.65
CA LEU A 883 3.88 8.15 -10.54
C LEU A 883 4.93 8.63 -9.55
N HIS A 884 4.62 9.74 -8.87
CA HIS A 884 5.53 10.30 -7.87
C HIS A 884 4.99 10.34 -6.45
N ALA A 885 3.69 10.19 -6.22
CA ALA A 885 3.14 10.15 -4.87
C ALA A 885 2.52 8.79 -4.63
N GLY A 886 2.28 8.44 -3.36
CA GLY A 886 1.71 7.14 -3.06
C GLY A 886 0.40 7.16 -2.32
N PRO A 887 0.09 6.08 -1.63
CA PRO A 887 -1.14 5.99 -0.88
C PRO A 887 -1.17 6.94 0.30
N PRO A 888 -2.31 7.54 0.58
CA PRO A 888 -2.46 8.41 1.74
C PRO A 888 -2.38 7.65 3.04
N VAL A 889 -1.89 8.31 4.07
CA VAL A 889 -1.84 7.72 5.40
C VAL A 889 -2.71 8.53 6.35
N TYR A 890 -3.39 7.84 7.26
CA TYR A 890 -4.19 8.50 8.28
C TYR A 890 -3.70 8.05 9.63
N PHE A 891 -3.17 8.95 10.44
CA PHE A 891 -2.74 8.60 11.78
C PHE A 891 -3.89 8.80 12.73
N VAL A 892 -4.69 7.75 12.88
CA VAL A 892 -5.92 7.90 13.62
C VAL A 892 -5.60 7.91 15.09
N LEU A 893 -5.86 9.03 15.74
CA LEU A 893 -5.75 9.13 17.18
C LEU A 893 -7.07 8.67 17.77
N GLU A 894 -7.06 7.56 18.48
CA GLU A 894 -8.30 6.94 18.89
C GLU A 894 -9.05 7.87 19.83
N GLU A 895 -10.28 7.50 20.14
CA GLU A 895 -11.13 8.31 21.01
C GLU A 895 -10.68 8.24 22.46
N GLY A 896 -10.64 9.42 23.09
CA GLY A 896 -10.30 9.49 24.51
C GLY A 896 -9.37 10.61 24.93
N HIS A 897 -8.79 11.33 23.99
CA HIS A 897 -7.92 12.45 24.32
C HIS A 897 -8.76 13.68 24.67
N ASP A 898 -8.14 14.62 25.40
CA ASP A 898 -8.89 15.76 25.95
C ASP A 898 -9.08 16.86 24.91
N TYR A 899 -7.99 17.43 24.39
CA TYR A 899 -8.07 18.44 23.35
C TYR A 899 -8.52 19.81 23.82
N THR A 900 -8.93 19.97 25.06
CA THR A 900 -9.42 21.27 25.51
C THR A 900 -8.50 21.89 26.54
N SER A 901 -7.20 21.73 26.36
CA SER A 901 -6.26 22.27 27.32
C SER A 901 -4.95 22.56 26.60
N SER A 902 -4.16 23.46 27.18
CA SER A 902 -2.90 23.86 26.56
C SER A 902 -1.94 22.70 26.40
N LYS A 903 -1.83 21.87 27.43
CA LYS A 903 -0.95 20.71 27.32
C LYS A 903 -1.57 19.65 26.42
N GLY A 904 -2.88 19.45 26.57
CA GLY A 904 -3.56 18.49 25.72
C GLY A 904 -3.40 18.82 24.26
N GLN A 905 -3.19 20.10 23.97
CA GLN A 905 -2.95 20.51 22.60
C GLN A 905 -1.48 20.39 22.25
N ASN A 906 -0.62 20.64 23.22
CA ASN A 906 0.81 20.52 22.96
C ASN A 906 1.20 19.09 22.64
N MET A 907 0.49 18.10 23.17
CA MET A 907 0.88 16.74 22.81
C MET A 907 0.61 16.52 21.33
N VAL A 908 -0.22 17.36 20.73
CA VAL A 908 -0.69 17.19 19.36
C VAL A 908 -0.18 18.28 18.44
N CYS A 909 -0.57 19.52 18.70
CA CYS A 909 -0.40 20.61 17.75
C CYS A 909 1.04 20.94 17.43
N GLY A 910 1.33 20.99 16.12
CA GLY A 910 2.68 21.26 15.65
C GLY A 910 2.65 22.75 15.40
N GLY A 911 3.07 23.51 16.40
CA GLY A 911 2.88 24.94 16.41
C GLY A 911 3.88 25.79 17.16
N MET A 912 3.36 26.90 17.67
CA MET A 912 4.17 27.96 18.25
C MET A 912 4.58 27.52 19.66
N GLY A 913 3.60 27.35 20.53
CA GLY A 913 3.77 27.07 21.93
C GLY A 913 3.76 25.58 22.23
N CYS A 914 3.29 24.77 21.29
CA CYS A 914 3.14 23.35 21.53
C CYS A 914 4.49 22.63 21.47
N ASN A 915 4.55 21.49 22.12
CA ASN A 915 5.81 20.83 22.46
C ASN A 915 6.66 20.63 21.21
N ASN A 916 7.94 20.33 21.44
CA ASN A 916 8.87 20.08 20.34
C ASN A 916 8.92 18.61 19.93
N ASP A 917 8.26 17.74 20.68
CA ASP A 917 8.16 16.31 20.41
C ASP A 917 6.74 15.89 20.07
N SER A 918 5.91 16.87 19.70
CA SER A 918 4.49 16.70 19.39
C SER A 918 4.19 15.87 18.15
N LEU A 919 3.00 15.26 18.13
CA LEU A 919 2.61 14.38 17.04
C LEU A 919 2.89 14.99 15.68
N VAL A 920 2.47 16.24 15.49
CA VAL A 920 2.62 16.83 14.18
C VAL A 920 4.09 17.03 13.86
N GLN A 921 4.88 17.40 14.86
CA GLN A 921 6.31 17.62 14.60
C GLN A 921 7.00 16.30 14.27
N GLN A 922 6.58 15.22 14.92
CA GLN A 922 7.21 13.94 14.62
C GLN A 922 6.86 13.48 13.22
N ILE A 923 5.61 13.70 12.80
CA ILE A 923 5.24 13.34 11.44
C ILE A 923 5.97 14.22 10.46
N PHE A 924 6.22 15.48 10.85
CA PHE A 924 6.98 16.38 10.00
C PHE A 924 8.41 15.90 9.82
N ASN A 925 9.08 15.49 10.89
CA ASN A 925 10.43 14.97 10.75
C ASN A 925 10.44 13.74 9.87
N ALA A 926 9.53 12.81 10.13
CA ALA A 926 9.44 11.65 9.27
C ALA A 926 9.34 12.08 7.81
N ALA A 927 8.51 13.06 7.51
CA ALA A 927 8.42 13.49 6.12
C ALA A 927 9.71 14.14 5.66
N GLN A 928 10.48 14.70 6.59
CA GLN A 928 11.77 15.27 6.22
C GLN A 928 12.80 14.21 5.85
N LEU A 929 12.71 13.04 6.45
CA LEU A 929 13.61 11.95 6.06
C LEU A 929 13.28 11.39 4.69
N ASP A 930 12.10 10.79 4.53
CA ASP A 930 11.49 10.46 3.24
C ASP A 930 12.16 9.28 2.53
N ASN A 931 13.27 8.74 3.02
CA ASN A 931 13.83 7.54 2.42
C ASN A 931 13.92 6.48 3.50
N TYR A 932 14.37 6.89 4.68
CA TYR A 932 14.32 5.99 5.81
C TYR A 932 12.86 5.78 6.19
N THR A 933 12.19 6.87 6.54
CA THR A 933 10.76 6.84 6.83
C THR A 933 10.19 7.19 5.46
N ARG A 934 9.25 6.38 4.97
CA ARG A 934 8.72 6.60 3.62
C ARG A 934 7.59 7.61 3.57
N ILE A 935 7.15 8.13 4.70
CA ILE A 935 6.11 9.16 4.76
C ILE A 935 6.62 10.42 4.08
N GLY A 936 6.01 10.79 2.97
CA GLY A 936 6.60 11.78 2.09
C GLY A 936 6.29 13.23 2.34
N PHE A 937 5.18 13.57 2.98
CA PHE A 937 4.74 14.96 3.03
C PHE A 937 4.23 15.33 4.41
N ALA A 938 3.96 16.60 4.60
CA ALA A 938 3.65 17.15 5.90
C ALA A 938 2.26 16.72 6.36
N PRO A 939 1.99 16.78 7.65
CA PRO A 939 0.75 16.17 8.17
C PRO A 939 -0.53 16.75 7.63
N SER A 940 -0.59 18.04 7.35
CA SER A 940 -1.84 18.66 6.94
C SER A 940 -2.87 18.57 8.07
N SER A 941 -2.39 18.82 9.28
CA SER A 941 -3.18 18.76 10.50
C SER A 941 -4.37 19.70 10.44
N TRP A 942 -5.41 19.40 11.22
CA TRP A 942 -6.63 20.18 11.23
C TRP A 942 -6.64 21.18 12.37
N ILE A 943 -5.89 20.93 13.44
CA ILE A 943 -5.95 21.81 14.58
C ILE A 943 -5.16 23.09 14.33
N ASP A 944 -4.08 22.97 13.57
CA ASP A 944 -3.28 24.15 13.22
C ASP A 944 -4.15 25.08 12.39
N ASP A 945 -4.90 24.51 11.45
CA ASP A 945 -5.80 25.24 10.58
C ASP A 945 -6.92 25.87 11.41
N TYR A 946 -7.42 25.14 12.40
CA TYR A 946 -8.50 25.65 13.23
C TYR A 946 -8.03 26.88 14.01
N PHE A 947 -6.82 26.81 14.57
CA PHE A 947 -6.32 27.97 15.29
C PHE A 947 -6.06 29.15 14.38
N ASP A 948 -5.51 28.86 13.19
CA ASP A 948 -5.26 29.92 12.22
C ASP A 948 -6.57 30.63 11.91
N TRP A 949 -7.65 29.88 11.82
CA TRP A 949 -8.97 30.42 11.55
C TRP A 949 -9.50 31.25 12.71
N VAL A 950 -9.34 30.76 13.94
CA VAL A 950 -9.95 31.45 15.08
C VAL A 950 -9.18 32.70 15.50
N LYS A 951 -7.95 32.88 15.01
CA LYS A 951 -7.18 34.06 15.41
C LYS A 951 -7.95 35.36 15.16
N PRO A 952 -7.97 36.27 16.15
CA PRO A 952 -8.69 37.54 15.95
C PRO A 952 -8.18 38.35 14.77
N GLN A 953 -6.87 38.28 14.54
CA GLN A 953 -6.26 38.98 13.43
C GLN A 953 -6.98 38.66 12.13
N SER A 954 -7.06 37.38 11.81
CA SER A 954 -7.75 36.93 10.59
C SER A 954 -9.13 37.53 10.45
N SER A 955 -9.90 37.50 11.53
CA SER A 955 -11.25 38.07 11.51
C SER A 955 -12.25 37.21 10.73
N CYS A 956 -11.83 36.00 10.38
CA CYS A 956 -12.68 35.08 9.63
C CYS A 956 -13.89 34.71 10.47
N CYS A 957 -13.65 34.50 11.75
CA CYS A 957 -14.66 34.18 12.75
C CYS A 957 -15.47 35.41 13.05
N ARG A 958 -16.78 35.27 13.19
CA ARG A 958 -17.64 36.37 13.55
C ARG A 958 -18.99 35.82 13.98
N VAL A 959 -19.42 36.16 15.16
CA VAL A 959 -20.64 35.58 15.66
C VAL A 959 -21.71 36.66 15.61
N ASP A 960 -22.97 36.24 15.54
CA ASP A 960 -24.06 37.20 15.65
C ASP A 960 -24.22 37.66 17.09
N ASN A 961 -24.59 38.93 17.25
CA ASN A 961 -24.56 39.52 18.58
C ASN A 961 -25.67 38.99 19.46
N ILE A 962 -26.85 38.81 18.87
CA ILE A 962 -28.03 38.40 19.61
C ILE A 962 -28.35 36.92 19.46
N THR A 963 -28.00 36.32 18.32
CA THR A 963 -28.37 34.95 18.02
C THR A 963 -27.27 33.94 18.29
N ASP A 964 -26.03 34.39 18.43
CA ASP A 964 -24.89 33.51 18.63
C ASP A 964 -24.76 32.52 17.48
N GLN A 965 -25.05 32.99 16.28
CA GLN A 965 -24.97 32.18 15.07
C GLN A 965 -23.78 32.65 14.26
N PHE A 966 -23.23 31.77 13.45
CA PHE A 966 -22.00 32.07 12.74
C PHE A 966 -22.25 33.09 11.65
N CYS A 967 -21.67 34.27 11.80
CA CYS A 967 -21.71 35.25 10.73
C CYS A 967 -20.62 34.96 9.72
N ASN A 968 -21.03 34.70 8.50
CA ASN A 968 -20.11 34.36 7.44
C ASN A 968 -19.07 35.48 7.31
N ALA A 969 -17.96 35.17 6.66
CA ALA A 969 -16.93 36.17 6.41
C ALA A 969 -17.29 37.18 5.34
N SER A 970 -18.28 36.86 4.51
CA SER A 970 -18.78 37.79 3.50
C SER A 970 -20.19 38.16 3.94
N VAL A 971 -20.29 39.20 4.74
CA VAL A 971 -21.58 39.61 5.31
C VAL A 971 -21.58 41.11 5.48
N VAL A 972 -22.78 41.70 5.47
CA VAL A 972 -22.91 43.14 5.50
C VAL A 972 -22.31 43.72 6.76
N ASP A 973 -21.90 42.87 7.68
CA ASP A 973 -21.35 43.31 8.95
C ASP A 973 -22.36 44.20 9.66
N PRO A 974 -23.62 43.79 9.74
CA PRO A 974 -24.62 44.64 10.36
C PRO A 974 -24.35 44.81 11.86
N ALA A 975 -24.30 43.69 12.57
CA ALA A 975 -24.03 43.71 14.00
C ALA A 975 -23.16 42.54 14.44
N CYS A 976 -22.39 41.95 13.52
CA CYS A 976 -21.62 40.76 13.89
C CYS A 976 -20.33 41.20 14.55
N VAL A 977 -20.03 40.61 15.69
CA VAL A 977 -18.83 40.95 16.43
C VAL A 977 -17.85 39.80 16.31
N ARG A 978 -16.58 40.11 16.54
CA ARG A 978 -15.53 39.08 16.48
C ARG A 978 -15.77 38.08 17.60
N CYS A 979 -15.55 36.80 17.30
CA CYS A 979 -15.76 35.76 18.30
C CYS A 979 -14.82 35.94 19.47
N ARG A 980 -13.53 36.06 19.18
CA ARG A 980 -12.53 36.19 20.23
C ARG A 980 -12.14 37.65 20.39
N PRO A 981 -12.15 38.18 21.61
CA PRO A 981 -11.78 39.59 21.79
C PRO A 981 -10.36 39.85 21.33
N LEU A 982 -10.18 40.93 20.58
CA LEU A 982 -8.87 41.29 20.05
C LEU A 982 -8.04 41.97 21.11
N THR A 983 -7.63 41.21 22.12
CA THR A 983 -6.82 41.76 23.21
C THR A 983 -5.68 40.83 23.54
N PRO A 984 -4.79 41.23 24.44
CA PRO A 984 -3.68 40.34 24.81
C PRO A 984 -4.15 39.01 25.37
N GLU A 985 -5.26 39.07 26.09
CA GLU A 985 -5.91 37.87 26.61
C GLU A 985 -6.50 37.05 25.45
N GLY A 986 -7.05 37.74 24.46
CA GLY A 986 -7.72 37.14 23.34
C GLY A 986 -6.75 36.54 22.36
N LYS A 987 -5.54 37.03 22.42
CA LYS A 987 -4.57 36.56 21.51
C LYS A 987 -4.18 35.04 21.77
N GLN A 988 -4.18 34.56 23.03
CA GLN A 988 -3.85 33.19 23.36
C GLN A 988 -4.68 32.22 22.53
N ARG A 989 -4.32 30.95 22.62
CA ARG A 989 -5.05 29.92 21.93
C ARG A 989 -6.39 29.73 22.64
N PRO A 990 -7.46 29.37 21.93
CA PRO A 990 -8.74 29.16 22.61
C PRO A 990 -8.80 27.87 23.40
N GLN A 991 -8.30 27.90 24.62
CA GLN A 991 -8.12 26.64 25.34
C GLN A 991 -9.40 26.16 26.04
N GLY A 992 -10.26 27.06 26.48
CA GLY A 992 -11.34 26.55 27.29
C GLY A 992 -12.56 25.98 26.58
N GLY A 993 -13.75 26.34 27.04
CA GLY A 993 -14.97 25.91 26.38
C GLY A 993 -15.30 26.67 25.12
N ASP A 994 -14.62 27.79 24.91
CA ASP A 994 -14.76 28.53 23.66
C ASP A 994 -14.29 27.63 22.54
N PHE A 995 -13.27 26.85 22.83
CA PHE A 995 -12.75 25.88 21.90
C PHE A 995 -13.89 25.07 21.29
N MET A 996 -14.67 24.42 22.14
CA MET A 996 -15.72 23.55 21.63
C MET A 996 -16.95 24.34 21.21
N ARG A 997 -17.07 25.59 21.65
CA ARG A 997 -18.17 26.41 21.21
C ARG A 997 -18.02 26.80 19.75
N PHE A 998 -16.80 27.07 19.32
CA PHE A 998 -16.54 27.55 17.98
C PHE A 998 -16.02 26.49 17.03
N LEU A 999 -15.62 25.35 17.53
CA LEU A 999 -15.08 24.38 16.59
C LEU A 999 -16.11 23.99 15.55
N PRO A 1000 -17.35 23.72 15.92
CA PRO A 1000 -18.32 23.34 14.90
C PRO A 1000 -18.52 24.41 13.86
N MET A 1001 -18.53 25.68 14.23
CA MET A 1001 -18.69 26.72 13.23
C MET A 1001 -17.52 26.73 12.25
N PHE A 1002 -16.32 26.51 12.76
CA PHE A 1002 -15.19 26.39 11.84
C PHE A 1002 -15.40 25.25 10.86
N LEU A 1003 -15.76 24.09 11.39
CA LEU A 1003 -15.90 22.91 10.56
C LEU A 1003 -17.05 23.12 9.59
N SER A 1004 -17.87 24.12 9.89
CA SER A 1004 -18.96 24.51 9.00
C SER A 1004 -18.56 25.62 8.06
N ASP A 1005 -17.36 26.17 8.24
CA ASP A 1005 -16.87 27.24 7.38
C ASP A 1005 -16.67 26.76 5.95
N ASN A 1006 -16.97 27.63 4.98
CA ASN A 1006 -16.83 27.29 3.58
C ASN A 1006 -15.64 28.05 3.02
N PRO A 1007 -15.20 27.78 1.80
CA PRO A 1007 -14.02 28.48 1.27
C PRO A 1007 -14.34 29.91 0.87
N ASN A 1008 -14.30 30.84 1.81
CA ASN A 1008 -14.65 32.23 1.50
C ASN A 1008 -13.48 32.97 0.87
N PRO A 1009 -13.73 33.76 -0.19
CA PRO A 1009 -12.64 34.49 -0.84
C PRO A 1009 -12.00 35.55 0.03
N LYS A 1010 -12.77 36.14 0.94
CA LYS A 1010 -12.25 37.17 1.84
C LYS A 1010 -11.33 36.32 2.71
N CYS A 1011 -11.92 35.40 3.48
CA CYS A 1011 -11.25 34.75 4.59
C CYS A 1011 -10.12 33.89 4.05
N GLY A 1012 -10.45 32.92 3.24
CA GLY A 1012 -9.50 31.94 2.78
C GLY A 1012 -10.18 30.61 2.51
N LYS A 1013 -9.39 29.58 2.78
CA LYS A 1013 -9.75 28.19 2.61
C LYS A 1013 -10.90 27.74 3.50
N GLY A 1014 -10.99 28.19 4.74
CA GLY A 1014 -12.09 27.58 5.48
C GLY A 1014 -11.77 26.10 5.65
N GLY A 1015 -12.51 25.46 6.54
CA GLY A 1015 -12.19 24.08 6.82
C GLY A 1015 -13.17 23.03 6.34
N HIS A 1016 -14.46 23.37 6.22
CA HIS A 1016 -15.46 22.42 5.78
C HIS A 1016 -14.95 21.47 4.71
N ALA A 1017 -14.19 21.95 3.74
CA ALA A 1017 -13.75 21.10 2.66
C ALA A 1017 -12.66 20.12 3.06
N ALA A 1018 -12.10 20.25 4.23
CA ALA A 1018 -10.95 19.40 4.52
C ALA A 1018 -11.03 18.64 5.82
N TYR A 1019 -11.76 19.12 6.81
CA TYR A 1019 -11.68 18.54 8.14
C TYR A 1019 -13.01 18.07 8.71
N SER A 1020 -14.10 18.27 7.98
CA SER A 1020 -15.42 17.89 8.49
C SER A 1020 -15.41 16.39 8.74
N SER A 1021 -14.84 15.64 7.81
CA SER A 1021 -14.67 14.21 7.98
C SER A 1021 -13.64 13.87 9.03
N ALA A 1022 -12.55 14.63 9.11
CA ALA A 1022 -11.45 14.24 9.97
C ALA A 1022 -11.74 14.48 11.45
N VAL A 1023 -12.75 15.26 11.76
CA VAL A 1023 -13.08 15.51 13.16
C VAL A 1023 -14.47 15.01 13.49
N ASN A 1024 -14.56 14.24 14.58
CA ASN A 1024 -15.82 13.68 15.01
C ASN A 1024 -16.23 14.26 16.35
N ILE A 1025 -17.47 14.70 16.45
CA ILE A 1025 -17.98 15.25 17.70
C ILE A 1025 -19.22 14.48 18.12
N LEU A 1026 -19.28 14.11 19.40
CA LEU A 1026 -20.43 13.38 19.90
C LEU A 1026 -21.34 14.38 20.59
N LEU A 1027 -22.57 14.49 20.09
CA LEU A 1027 -23.53 15.44 20.64
C LEU A 1027 -23.91 15.12 22.09
N GLY A 1028 -24.05 16.18 22.89
CA GLY A 1028 -24.42 16.05 24.28
C GLY A 1028 -23.26 15.90 25.22
N HIS A 1029 -23.49 16.15 26.50
CA HIS A 1029 -22.48 16.02 27.55
C HIS A 1029 -21.19 16.79 27.26
N GLY A 1030 -21.33 18.03 26.80
CA GLY A 1030 -20.18 18.86 26.51
C GLY A 1030 -19.57 18.69 25.14
N THR A 1031 -20.19 17.86 24.31
CA THR A 1031 -19.71 17.64 22.94
C THR A 1031 -18.24 17.27 22.85
N ARG A 1032 -17.81 16.31 23.66
CA ARG A 1032 -16.42 15.88 23.67
C ARG A 1032 -16.02 15.31 22.31
N VAL A 1033 -14.81 15.63 21.88
CA VAL A 1033 -14.28 15.18 20.59
C VAL A 1033 -13.98 13.68 20.44
N GLY A 1034 -14.27 13.18 19.24
CA GLY A 1034 -14.03 11.80 18.85
C GLY A 1034 -12.68 11.59 18.20
N ALA A 1035 -12.45 10.41 17.64
CA ALA A 1035 -11.20 10.12 16.97
C ALA A 1035 -10.99 11.03 15.78
N THR A 1036 -9.76 11.47 15.58
CA THR A 1036 -9.41 12.38 14.49
C THR A 1036 -8.18 11.86 13.79
N TYR A 1037 -7.97 12.29 12.55
CA TYR A 1037 -6.79 11.82 11.86
C TYR A 1037 -6.05 12.96 11.18
N PHE A 1038 -4.78 12.71 10.90
CA PHE A 1038 -3.89 13.65 10.25
C PHE A 1038 -3.35 12.95 9.03
N MET A 1039 -3.91 13.19 7.86
CA MET A 1039 -3.60 12.31 6.75
C MET A 1039 -2.46 12.90 5.95
N THR A 1040 -1.46 12.09 5.67
CA THR A 1040 -0.35 12.47 4.82
C THR A 1040 -0.22 11.47 3.70
N TYR A 1041 0.88 11.54 2.97
CA TYR A 1041 1.04 10.65 1.83
C TYR A 1041 2.30 9.83 1.99
N HIS A 1042 2.25 8.62 1.46
CA HIS A 1042 3.42 7.77 1.39
C HIS A 1042 4.25 8.15 0.19
N THR A 1043 5.48 7.63 0.15
CA THR A 1043 6.38 7.82 -1.00
C THR A 1043 6.01 6.76 -2.05
N VAL A 1044 6.33 7.00 -3.32
CA VAL A 1044 6.00 6.02 -4.35
C VAL A 1044 6.53 4.66 -3.90
N LEU A 1045 5.63 3.70 -3.75
CA LEU A 1045 5.94 2.34 -3.33
C LEU A 1045 5.79 1.36 -4.49
N GLN A 1046 6.90 0.75 -4.92
CA GLN A 1046 6.86 -0.15 -6.08
C GLN A 1046 6.99 -1.67 -5.88
N THR A 1047 7.49 -2.13 -4.73
CA THR A 1047 7.64 -3.56 -4.52
C THR A 1047 7.24 -3.93 -3.11
N SER A 1048 7.12 -5.23 -2.86
CA SER A 1048 6.70 -5.72 -1.56
C SER A 1048 7.66 -5.23 -0.49
N ALA A 1049 8.96 -5.25 -0.78
CA ALA A 1049 9.92 -4.73 0.20
C ALA A 1049 9.55 -3.30 0.56
N ASP A 1050 9.18 -2.52 -0.44
CA ASP A 1050 8.80 -1.12 -0.24
C ASP A 1050 7.55 -1.00 0.63
N PHE A 1051 6.56 -1.87 0.41
CA PHE A 1051 5.35 -1.82 1.20
C PHE A 1051 5.59 -2.25 2.63
N ILE A 1052 6.37 -3.30 2.83
CA ILE A 1052 6.63 -3.79 4.17
C ILE A 1052 7.44 -2.77 4.96
N ASP A 1053 8.36 -2.12 4.27
CA ASP A 1053 9.19 -1.09 4.88
C ASP A 1053 8.32 0.07 5.36
N ALA A 1054 7.34 0.44 4.54
CA ALA A 1054 6.44 1.52 4.89
C ALA A 1054 5.56 1.16 6.07
N LEU A 1055 4.94 -0.01 6.03
CA LEU A 1055 4.16 -0.43 7.20
C LEU A 1055 5.00 -0.38 8.47
N LYS A 1056 6.17 -1.02 8.44
CA LYS A 1056 6.98 -1.09 9.63
C LYS A 1056 7.24 0.30 10.19
N LYS A 1057 7.63 1.23 9.32
CA LYS A 1057 8.09 2.51 9.81
C LYS A 1057 6.93 3.39 10.27
N ALA A 1058 5.77 3.28 9.62
CA ALA A 1058 4.60 3.96 10.14
C ALA A 1058 4.25 3.45 11.52
N ARG A 1059 4.33 2.15 11.72
CA ARG A 1059 4.04 1.63 13.05
C ARG A 1059 5.03 2.19 14.05
N LEU A 1060 6.29 2.30 13.67
CA LEU A 1060 7.30 2.87 14.55
C LEU A 1060 6.98 4.29 14.96
N ILE A 1061 6.62 5.15 13.99
CA ILE A 1061 6.27 6.53 14.32
C ILE A 1061 5.11 6.53 15.31
N ALA A 1062 4.12 5.70 15.05
CA ALA A 1062 2.98 5.65 15.95
C ALA A 1062 3.41 5.23 17.33
N SER A 1063 4.36 4.29 17.39
CA SER A 1063 4.87 3.78 18.66
C SER A 1063 5.54 4.91 19.44
N ASN A 1064 6.32 5.74 18.75
CA ASN A 1064 6.94 6.88 19.39
C ASN A 1064 5.92 7.85 19.95
N VAL A 1065 4.94 8.21 19.13
CA VAL A 1065 3.95 9.16 19.62
C VAL A 1065 3.19 8.59 20.80
N THR A 1066 2.86 7.31 20.74
CA THR A 1066 2.12 6.68 21.82
C THR A 1066 2.92 6.76 23.11
N GLU A 1067 4.21 6.51 23.00
CA GLU A 1067 5.08 6.65 24.16
C GLU A 1067 5.05 8.07 24.70
N THR A 1068 5.28 9.04 23.83
CA THR A 1068 5.42 10.42 24.27
C THR A 1068 4.15 10.94 24.91
N MET A 1069 2.98 10.48 24.47
CA MET A 1069 1.75 11.01 25.08
C MET A 1069 1.63 10.63 26.53
N GLY A 1070 2.32 9.58 26.98
CA GLY A 1070 2.25 9.22 28.37
C GLY A 1070 0.86 8.94 28.90
N ILE A 1071 0.21 7.90 28.40
CA ILE A 1071 -1.13 7.56 28.85
C ILE A 1071 -1.02 6.79 30.17
N ASN A 1072 -1.91 7.08 31.11
CA ASN A 1072 -1.92 6.33 32.35
C ASN A 1072 -2.47 4.92 32.09
N GLY A 1073 -1.85 4.22 31.16
CA GLY A 1073 -2.29 2.94 30.68
C GLY A 1073 -2.36 2.91 29.16
N SER A 1074 -3.41 2.34 28.59
CA SER A 1074 -3.62 2.33 27.15
C SER A 1074 -5.06 2.66 26.80
N ALA A 1075 -5.62 3.67 27.44
CA ALA A 1075 -7.01 4.02 27.18
C ALA A 1075 -7.22 4.32 25.71
N TYR A 1076 -6.21 4.87 25.05
CA TYR A 1076 -6.27 5.20 23.63
C TYR A 1076 -4.87 5.13 23.05
N ARG A 1077 -4.76 5.03 21.74
CA ARG A 1077 -3.44 5.04 21.14
C ARG A 1077 -3.45 5.45 19.66
N VAL A 1078 -2.36 6.07 19.22
CA VAL A 1078 -2.25 6.39 17.82
C VAL A 1078 -1.95 5.13 17.02
N PHE A 1079 -2.51 5.06 15.86
CA PHE A 1079 -2.17 3.99 14.93
C PHE A 1079 -2.39 4.48 13.52
N PRO A 1080 -1.57 4.09 12.56
CA PRO A 1080 -1.78 4.53 11.19
C PRO A 1080 -2.64 3.59 10.40
N TYR A 1081 -3.49 4.15 9.55
CA TYR A 1081 -4.31 3.34 8.65
C TYR A 1081 -4.07 3.75 7.21
N SER A 1082 -3.72 2.80 6.39
CA SER A 1082 -3.62 2.96 4.95
C SER A 1082 -4.28 1.76 4.29
N VAL A 1083 -4.52 1.84 2.99
CA VAL A 1083 -5.36 0.83 2.37
C VAL A 1083 -4.68 -0.54 2.33
N PHE A 1084 -3.38 -0.60 2.02
CA PHE A 1084 -2.71 -1.88 1.86
C PHE A 1084 -2.20 -2.53 3.15
N TYR A 1085 -2.47 -1.95 4.30
CA TYR A 1085 -1.92 -2.51 5.52
C TYR A 1085 -2.46 -3.90 5.80
N VAL A 1086 -3.74 -4.13 5.52
CA VAL A 1086 -4.32 -5.44 5.80
C VAL A 1086 -3.71 -6.51 4.91
N PHE A 1087 -3.32 -6.14 3.69
CA PHE A 1087 -2.76 -7.15 2.82
C PHE A 1087 -1.30 -7.42 3.13
N TYR A 1088 -0.64 -6.48 3.81
CA TYR A 1088 0.79 -6.66 4.05
C TYR A 1088 1.12 -6.84 5.52
N GLU A 1089 0.13 -7.16 6.34
CA GLU A 1089 0.35 -7.35 7.78
C GLU A 1089 0.94 -8.73 8.12
N GLN A 1090 0.88 -9.65 7.16
CA GLN A 1090 1.39 -11.00 7.34
C GLN A 1090 2.91 -11.09 7.25
N TYR A 1091 3.53 -10.17 6.53
CA TYR A 1091 4.97 -10.27 6.36
C TYR A 1091 5.73 -9.71 7.53
N LEU A 1092 5.04 -9.34 8.60
CA LEU A 1092 5.75 -8.92 9.80
C LEU A 1092 5.93 -10.08 10.74
N THR A 1093 5.30 -11.20 10.42
CA THR A 1093 5.47 -12.41 11.19
C THR A 1093 5.60 -13.64 10.32
N ILE A 1094 5.88 -13.48 9.03
CA ILE A 1094 5.89 -14.67 8.19
C ILE A 1094 7.06 -15.54 8.54
N ILE A 1095 8.17 -14.96 8.97
CA ILE A 1095 9.31 -15.81 9.29
C ILE A 1095 9.04 -16.72 10.49
N ASP A 1096 8.48 -16.18 11.57
CA ASP A 1096 8.20 -17.09 12.67
C ASP A 1096 7.03 -17.99 12.37
N ASP A 1097 6.12 -17.54 11.51
CA ASP A 1097 5.05 -18.43 11.10
C ASP A 1097 5.59 -19.60 10.28
N THR A 1098 6.49 -19.32 9.33
CA THR A 1098 7.12 -20.39 8.57
C THR A 1098 7.91 -21.33 9.46
N ILE A 1099 8.76 -20.80 10.32
CA ILE A 1099 9.51 -21.69 11.18
C ILE A 1099 8.56 -22.60 11.92
N PHE A 1100 7.59 -22.02 12.62
CA PHE A 1100 6.70 -22.87 13.40
C PHE A 1100 5.99 -23.89 12.52
N ASN A 1101 5.42 -23.47 11.39
CA ASN A 1101 4.65 -24.41 10.58
C ASN A 1101 5.51 -25.57 10.11
N LEU A 1102 6.67 -25.28 9.51
CA LEU A 1102 7.48 -26.38 9.01
C LEU A 1102 7.89 -27.27 10.16
N GLY A 1103 8.34 -26.69 11.26
CA GLY A 1103 8.76 -27.55 12.34
C GLY A 1103 7.62 -28.42 12.84
N VAL A 1104 6.41 -27.88 13.00
CA VAL A 1104 5.33 -28.70 13.53
C VAL A 1104 4.92 -29.78 12.53
N SER A 1105 4.82 -29.44 11.25
CA SER A 1105 4.42 -30.44 10.28
C SER A 1105 5.43 -31.57 10.23
N LEU A 1106 6.70 -31.22 10.33
CA LEU A 1106 7.72 -32.24 10.26
C LEU A 1106 7.74 -33.08 11.52
N GLY A 1107 7.44 -32.49 12.67
CA GLY A 1107 7.34 -33.30 13.87
C GLY A 1107 6.16 -34.25 13.81
N ALA A 1108 5.06 -33.80 13.23
CA ALA A 1108 3.93 -34.71 13.03
C ALA A 1108 4.28 -35.85 12.08
N ILE A 1109 4.93 -35.55 10.96
CA ILE A 1109 5.37 -36.62 10.07
C ILE A 1109 6.28 -37.59 10.81
N PHE A 1110 7.25 -37.06 11.54
CA PHE A 1110 8.14 -37.92 12.30
C PHE A 1110 7.37 -38.86 13.19
N LEU A 1111 6.48 -38.31 13.99
CA LEU A 1111 5.77 -39.16 14.93
C LEU A 1111 4.94 -40.19 14.20
N VAL A 1112 4.20 -39.78 13.19
CA VAL A 1112 3.37 -40.75 12.49
C VAL A 1112 4.23 -41.87 11.93
N THR A 1113 5.38 -41.54 11.33
CA THR A 1113 6.22 -42.61 10.79
C THR A 1113 6.77 -43.51 11.87
N MET A 1114 7.39 -42.94 12.90
CA MET A 1114 8.01 -43.77 13.92
C MET A 1114 6.98 -44.58 14.65
N VAL A 1115 5.71 -44.22 14.51
CA VAL A 1115 4.66 -45.01 15.12
C VAL A 1115 4.16 -46.09 14.17
N LEU A 1116 3.79 -45.72 12.97
CA LEU A 1116 3.21 -46.64 12.01
C LEU A 1116 4.20 -47.67 11.52
N LEU A 1117 5.47 -47.32 11.29
CA LEU A 1117 6.43 -48.27 10.80
C LEU A 1117 6.84 -49.24 11.88
N GLY A 1118 6.13 -49.23 13.00
CA GLY A 1118 6.46 -50.04 14.16
C GLY A 1118 6.82 -49.16 15.35
N CYS A 1119 8.05 -49.28 15.82
CA CYS A 1119 8.58 -48.31 16.75
C CYS A 1119 10.04 -48.04 16.43
N GLU A 1120 10.51 -48.50 15.28
CA GLU A 1120 11.93 -48.35 14.98
C GLU A 1120 12.21 -46.87 14.86
N LEU A 1121 13.08 -46.37 15.73
CA LEU A 1121 13.50 -44.98 15.66
C LEU A 1121 14.55 -44.73 14.60
N TRP A 1122 15.33 -45.74 14.24
CA TRP A 1122 16.39 -45.43 13.30
C TRP A 1122 15.85 -45.17 11.91
N SER A 1123 14.93 -46.00 11.46
CA SER A 1123 14.34 -45.77 10.15
C SER A 1123 13.54 -44.48 10.13
N ALA A 1124 12.80 -44.22 11.20
CA ALA A 1124 11.99 -43.01 11.26
C ALA A 1124 12.87 -41.77 11.22
N VAL A 1125 13.96 -41.79 11.96
CA VAL A 1125 14.84 -40.64 11.98
C VAL A 1125 15.51 -40.45 10.64
N ILE A 1126 15.86 -41.55 9.98
CA ILE A 1126 16.45 -41.43 8.66
C ILE A 1126 15.47 -40.81 7.68
N MET A 1127 14.23 -41.29 7.70
CA MET A 1127 13.24 -40.70 6.80
C MET A 1127 13.02 -39.23 7.09
N CYS A 1128 12.90 -38.87 8.36
CA CYS A 1128 12.68 -37.47 8.69
C CYS A 1128 13.85 -36.62 8.24
N ALA A 1129 15.08 -37.11 8.43
CA ALA A 1129 16.21 -36.33 7.98
C ALA A 1129 16.21 -36.18 6.48
N THR A 1130 15.81 -37.23 5.74
CA THR A 1130 15.77 -37.06 4.29
C THR A 1130 14.71 -36.08 3.86
N ILE A 1131 13.54 -36.08 4.50
CA ILE A 1131 12.54 -35.10 4.08
C ILE A 1131 12.98 -33.71 4.46
N ALA A 1132 13.67 -33.55 5.57
CA ALA A 1132 14.22 -32.25 5.91
C ALA A 1132 15.23 -31.81 4.87
N MET A 1133 16.05 -32.72 4.40
CA MET A 1133 16.93 -32.37 3.31
C MET A 1133 16.11 -31.91 2.11
N VAL A 1134 15.03 -32.61 1.81
CA VAL A 1134 14.21 -32.20 0.68
C VAL A 1134 13.71 -30.79 0.87
N LEU A 1135 13.29 -30.42 2.09
CA LEU A 1135 12.78 -29.06 2.27
C LEU A 1135 13.88 -28.03 2.08
N VAL A 1136 15.05 -28.29 2.64
CA VAL A 1136 16.12 -27.31 2.47
C VAL A 1136 16.46 -27.15 0.99
N ASN A 1137 16.46 -28.24 0.24
CA ASN A 1137 16.71 -28.08 -1.18
C ASN A 1137 15.56 -27.36 -1.85
N MET A 1138 14.37 -27.50 -1.30
CA MET A 1138 13.25 -26.72 -1.79
C MET A 1138 13.48 -25.24 -1.62
N PHE A 1139 14.04 -24.85 -0.48
CA PHE A 1139 14.34 -23.43 -0.29
C PHE A 1139 15.42 -22.96 -1.24
N GLY A 1140 16.39 -23.81 -1.51
CA GLY A 1140 17.40 -23.45 -2.50
C GLY A 1140 16.81 -23.22 -3.87
N VAL A 1141 15.91 -24.10 -4.30
CA VAL A 1141 15.28 -23.92 -5.59
C VAL A 1141 14.39 -22.68 -5.60
N MET A 1142 13.70 -22.41 -4.49
CA MET A 1142 12.99 -21.16 -4.35
C MET A 1142 13.90 -19.99 -4.68
N TRP A 1143 15.01 -19.86 -3.96
CA TRP A 1143 15.90 -18.73 -4.21
C TRP A 1143 16.35 -18.71 -5.65
N LEU A 1144 16.54 -19.88 -6.23
CA LEU A 1144 17.16 -19.92 -7.54
C LEU A 1144 16.22 -19.55 -8.66
N TRP A 1145 14.93 -19.87 -8.56
CA TRP A 1145 14.01 -19.48 -9.64
C TRP A 1145 13.24 -18.20 -9.37
N GLY A 1146 13.50 -17.51 -8.28
CA GLY A 1146 12.84 -16.24 -8.08
C GLY A 1146 11.40 -16.38 -7.63
N ILE A 1147 11.10 -17.43 -6.88
CA ILE A 1147 9.81 -17.58 -6.23
C ILE A 1147 9.89 -16.86 -4.90
N SER A 1148 8.80 -16.22 -4.48
CA SER A 1148 8.82 -15.46 -3.25
C SER A 1148 8.19 -16.24 -2.11
N LEU A 1149 8.58 -15.91 -0.89
CA LEU A 1149 8.11 -16.59 0.31
C LEU A 1149 6.87 -15.93 0.93
N ASN A 1150 5.73 -16.04 0.25
CA ASN A 1150 4.50 -15.52 0.82
C ASN A 1150 3.72 -16.66 1.45
N ALA A 1151 2.44 -16.45 1.81
CA ALA A 1151 1.73 -17.52 2.49
C ALA A 1151 1.35 -18.66 1.55
N VAL A 1152 1.61 -18.51 0.26
CA VAL A 1152 1.29 -19.59 -0.66
C VAL A 1152 2.52 -20.45 -0.84
N SER A 1153 3.67 -19.83 -0.96
CA SER A 1153 4.88 -20.63 -1.02
C SER A 1153 5.02 -21.38 0.28
N LEU A 1154 4.64 -20.77 1.40
CA LEU A 1154 4.75 -21.48 2.66
C LEU A 1154 3.78 -22.64 2.73
N VAL A 1155 2.56 -22.48 2.23
CA VAL A 1155 1.68 -23.64 2.26
C VAL A 1155 2.24 -24.75 1.38
N ASN A 1156 2.76 -24.40 0.20
CA ASN A 1156 3.28 -25.43 -0.67
C ASN A 1156 4.49 -26.14 -0.06
N LEU A 1157 5.31 -25.44 0.71
CA LEU A 1157 6.41 -26.17 1.32
C LEU A 1157 5.90 -27.11 2.39
N VAL A 1158 5.02 -26.64 3.27
CA VAL A 1158 4.49 -27.58 4.24
C VAL A 1158 3.78 -28.74 3.57
N MET A 1159 3.26 -28.55 2.36
CA MET A 1159 2.64 -29.67 1.64
C MET A 1159 3.68 -30.61 1.05
N SER A 1160 4.73 -30.07 0.45
CA SER A 1160 5.73 -30.91 -0.16
C SER A 1160 6.37 -31.79 0.90
N CYS A 1161 6.52 -31.28 2.11
CA CYS A 1161 7.18 -32.07 3.14
C CYS A 1161 6.33 -33.29 3.48
N GLY A 1162 5.08 -33.28 3.03
CA GLY A 1162 4.11 -34.33 3.28
C GLY A 1162 3.91 -35.23 2.09
N ILE A 1163 4.28 -34.72 0.93
CA ILE A 1163 4.21 -35.47 -0.32
C ILE A 1163 5.49 -36.27 -0.54
N SER A 1164 6.57 -35.85 0.10
CA SER A 1164 7.85 -36.56 0.01
C SER A 1164 7.78 -37.99 0.55
N VAL A 1165 7.05 -38.22 1.64
CA VAL A 1165 6.95 -39.56 2.18
C VAL A 1165 6.58 -40.54 1.09
N GLU A 1166 5.70 -40.18 0.17
CA GLU A 1166 5.29 -41.17 -0.81
C GLU A 1166 6.50 -41.78 -1.47
N PHE A 1167 7.58 -41.02 -1.61
CA PHE A 1167 8.84 -41.59 -2.09
C PHE A 1167 9.59 -42.27 -0.95
N CYS A 1168 9.97 -41.47 0.05
CA CYS A 1168 10.85 -41.93 1.13
C CYS A 1168 10.36 -43.12 1.93
N SER A 1169 9.10 -43.49 1.84
CA SER A 1169 8.53 -44.53 2.70
C SER A 1169 8.72 -45.93 2.16
N HIS A 1170 8.48 -46.12 0.86
CA HIS A 1170 8.58 -47.44 0.27
C HIS A 1170 9.98 -48.02 0.42
N ILE A 1171 10.97 -47.26 0.00
CA ILE A 1171 12.34 -47.76 0.04
C ILE A 1171 12.71 -48.12 1.46
N THR A 1172 12.43 -47.23 2.40
CA THR A 1172 12.86 -47.50 3.76
C THR A 1172 12.16 -48.72 4.33
N ARG A 1173 10.89 -48.95 3.96
CA ARG A 1173 10.28 -50.17 4.49
C ARG A 1173 10.78 -51.42 3.82
N ALA A 1174 10.97 -51.38 2.50
CA ALA A 1174 11.54 -52.53 1.83
C ALA A 1174 12.92 -52.87 2.38
N PHE A 1175 13.70 -51.88 2.76
CA PHE A 1175 14.98 -52.13 3.42
C PHE A 1175 14.81 -52.65 4.82
N THR A 1176 13.98 -52.01 5.62
CA THR A 1176 13.88 -52.38 7.02
C THR A 1176 13.44 -53.82 7.16
N VAL A 1177 12.32 -54.18 6.53
CA VAL A 1177 11.79 -55.53 6.63
C VAL A 1177 12.47 -56.33 5.54
N SER A 1178 13.68 -56.82 5.82
CA SER A 1178 14.43 -57.63 4.89
C SER A 1178 15.44 -58.45 5.68
N MET A 1179 15.71 -59.66 5.21
CA MET A 1179 16.56 -60.59 5.95
C MET A 1179 17.80 -61.03 5.19
N LYS A 1180 18.38 -60.18 4.35
CA LYS A 1180 19.66 -60.57 3.80
C LYS A 1180 20.75 -60.36 4.83
N GLY A 1181 21.98 -60.73 4.48
CA GLY A 1181 23.10 -60.70 5.39
C GLY A 1181 23.65 -59.32 5.61
N SER A 1182 24.15 -58.69 4.54
CA SER A 1182 24.87 -57.44 4.68
C SER A 1182 24.01 -56.27 4.27
N ARG A 1183 24.48 -55.08 4.65
CA ARG A 1183 23.75 -53.85 4.39
C ARG A 1183 23.59 -53.56 2.90
N VAL A 1184 24.64 -53.82 2.13
CA VAL A 1184 24.59 -53.50 0.70
C VAL A 1184 23.54 -54.32 -0.01
N GLU A 1185 23.48 -55.60 0.31
CA GLU A 1185 22.54 -56.47 -0.38
C GLU A 1185 21.11 -56.16 0.04
N ARG A 1186 20.91 -55.82 1.31
CA ARG A 1186 19.59 -55.41 1.73
C ARG A 1186 19.16 -54.20 0.94
N ALA A 1187 20.07 -53.26 0.75
CA ALA A 1187 19.72 -52.07 0.00
C ALA A 1187 19.36 -52.41 -1.44
N GLU A 1188 20.16 -53.26 -2.09
CA GLU A 1188 19.88 -53.56 -3.50
C GLU A 1188 18.60 -54.38 -3.68
N GLU A 1189 18.28 -55.25 -2.73
CA GLU A 1189 17.03 -55.99 -2.80
C GLU A 1189 15.82 -55.08 -2.65
N ALA A 1190 15.88 -54.19 -1.66
CA ALA A 1190 14.83 -53.18 -1.51
C ALA A 1190 14.71 -52.33 -2.76
N LEU A 1191 15.83 -51.91 -3.34
CA LEU A 1191 15.73 -51.09 -4.53
C LEU A 1191 14.98 -51.82 -5.61
N ALA A 1192 15.50 -52.96 -6.06
CA ALA A 1192 14.78 -53.70 -7.08
C ALA A 1192 13.28 -53.78 -6.73
N HIS A 1193 12.96 -54.44 -5.61
CA HIS A 1193 11.57 -54.77 -5.31
C HIS A 1193 10.67 -53.57 -5.36
N MET A 1194 10.89 -52.60 -4.48
CA MET A 1194 9.94 -51.51 -4.35
C MET A 1194 10.17 -50.38 -5.35
N GLY A 1195 11.41 -50.03 -5.64
CA GLY A 1195 11.64 -48.95 -6.57
C GLY A 1195 11.16 -49.24 -7.97
N SER A 1196 10.97 -50.51 -8.32
CA SER A 1196 10.37 -50.68 -9.64
C SER A 1196 8.98 -50.07 -9.70
N SER A 1197 8.25 -50.12 -8.58
CA SER A 1197 6.92 -49.52 -8.52
C SER A 1197 6.98 -48.04 -8.18
N VAL A 1198 8.01 -47.61 -7.44
CA VAL A 1198 8.10 -46.21 -7.05
C VAL A 1198 8.51 -45.30 -8.19
N PHE A 1199 9.31 -45.77 -9.13
CA PHE A 1199 9.64 -44.85 -10.22
C PHE A 1199 8.47 -44.73 -11.18
N SER A 1200 7.73 -45.81 -11.36
CA SER A 1200 6.63 -45.84 -12.28
C SER A 1200 5.35 -45.32 -11.66
N GLY A 1201 5.22 -45.47 -10.35
CA GLY A 1201 3.99 -45.07 -9.69
C GLY A 1201 3.86 -43.58 -9.47
N ILE A 1202 4.78 -42.99 -8.71
CA ILE A 1202 4.68 -41.59 -8.31
C ILE A 1202 5.29 -40.64 -9.33
N THR A 1203 6.49 -40.93 -9.82
CA THR A 1203 7.17 -39.94 -10.64
C THR A 1203 6.40 -39.61 -11.91
N LEU A 1204 6.12 -40.62 -12.73
CA LEU A 1204 5.49 -40.33 -14.00
C LEU A 1204 4.12 -39.71 -13.82
N THR A 1205 3.35 -40.18 -12.84
CA THR A 1205 2.03 -39.62 -12.60
C THR A 1205 2.10 -38.13 -12.25
N LYS A 1206 2.84 -37.80 -11.20
CA LYS A 1206 2.97 -36.41 -10.82
C LYS A 1206 3.52 -35.57 -11.95
N PHE A 1207 4.33 -36.18 -12.81
CA PHE A 1207 4.91 -35.44 -13.92
C PHE A 1207 3.86 -35.09 -14.96
N GLY A 1208 3.02 -36.06 -15.31
CA GLY A 1208 1.90 -35.76 -16.18
C GLY A 1208 1.02 -34.66 -15.62
N GLY A 1209 0.71 -34.72 -14.32
CA GLY A 1209 -0.10 -33.67 -13.73
C GLY A 1209 0.51 -32.28 -13.83
N ILE A 1210 1.79 -32.15 -13.47
CA ILE A 1210 2.45 -30.85 -13.46
C ILE A 1210 2.67 -30.29 -14.86
N VAL A 1211 2.97 -31.14 -15.84
CA VAL A 1211 3.25 -30.61 -17.16
C VAL A 1211 2.04 -29.97 -17.82
N VAL A 1212 0.83 -30.42 -17.48
CA VAL A 1212 -0.35 -29.75 -18.01
C VAL A 1212 -0.56 -28.41 -17.33
N LEU A 1213 -0.22 -28.32 -16.05
CA LEU A 1213 -0.41 -27.05 -15.38
C LEU A 1213 0.67 -26.06 -15.79
N ALA A 1214 1.77 -26.57 -16.37
CA ALA A 1214 2.85 -25.67 -16.73
C ALA A 1214 2.39 -24.55 -17.66
N PHE A 1215 1.27 -24.73 -18.34
CA PHE A 1215 0.71 -23.66 -19.16
C PHE A 1215 -0.45 -22.99 -18.44
N ALA A 1216 -0.14 -22.06 -17.55
CA ALA A 1216 -1.14 -21.48 -16.70
C ALA A 1216 -1.61 -20.19 -17.35
N LYS A 1217 -2.51 -19.47 -16.67
CA LYS A 1217 -3.04 -18.22 -17.21
C LYS A 1217 -3.14 -17.14 -16.13
N SER A 1218 -2.91 -17.54 -14.88
CA SER A 1218 -2.97 -16.62 -13.76
C SER A 1218 -1.61 -16.18 -13.21
N GLN A 1219 -0.53 -16.65 -13.81
CA GLN A 1219 0.78 -16.28 -13.33
C GLN A 1219 1.01 -16.82 -11.93
N ILE A 1220 0.06 -16.61 -11.01
CA ILE A 1220 0.26 -17.15 -9.67
C ILE A 1220 0.39 -18.65 -9.74
N PHE A 1221 -0.46 -19.32 -10.51
CA PHE A 1221 -0.32 -20.75 -10.66
C PHE A 1221 0.99 -21.08 -11.35
N GLN A 1222 1.12 -20.64 -12.60
CA GLN A 1222 2.27 -20.96 -13.42
C GLN A 1222 3.57 -20.68 -12.72
N ILE A 1223 3.58 -19.85 -11.70
CA ILE A 1223 4.83 -19.56 -11.02
C ILE A 1223 4.94 -20.47 -9.81
N PHE A 1224 3.92 -20.47 -8.96
CA PHE A 1224 4.13 -21.08 -7.66
C PHE A 1224 3.73 -22.54 -7.68
N TYR A 1225 2.53 -22.85 -8.11
CA TYR A 1225 2.19 -24.26 -8.16
C TYR A 1225 3.08 -25.03 -9.12
N PHE A 1226 3.20 -24.59 -10.37
CA PHE A 1226 4.03 -25.34 -11.28
C PHE A 1226 5.46 -25.44 -10.79
N ARG A 1227 6.12 -24.32 -10.49
CA ARG A 1227 7.52 -24.44 -10.10
C ARG A 1227 7.69 -25.23 -8.82
N MET A 1228 6.86 -24.97 -7.80
CA MET A 1228 7.01 -25.69 -6.55
C MET A 1228 6.79 -27.19 -6.75
N TYR A 1229 5.83 -27.58 -7.56
CA TYR A 1229 5.58 -28.99 -7.74
C TYR A 1229 6.62 -29.67 -8.60
N LEU A 1230 7.02 -29.06 -9.72
CA LEU A 1230 8.10 -29.65 -10.50
C LEU A 1230 9.34 -29.83 -9.65
N ALA A 1231 9.71 -28.78 -8.91
CA ALA A 1231 10.88 -28.91 -8.05
C ALA A 1231 10.68 -30.07 -7.09
N MET A 1232 9.56 -30.07 -6.37
CA MET A 1232 9.31 -31.14 -5.42
C MET A 1232 9.46 -32.49 -6.08
N VAL A 1233 8.85 -32.68 -7.25
CA VAL A 1233 8.86 -34.00 -7.88
C VAL A 1233 10.28 -34.43 -8.16
N LEU A 1234 11.05 -33.60 -8.85
CA LEU A 1234 12.36 -34.11 -9.26
C LEU A 1234 13.28 -34.23 -8.06
N LEU A 1235 13.13 -33.35 -7.09
CA LEU A 1235 13.92 -33.46 -5.89
C LEU A 1235 13.57 -34.71 -5.09
N GLY A 1236 12.29 -34.98 -4.91
CA GLY A 1236 11.89 -36.18 -4.20
C GLY A 1236 12.29 -37.44 -4.92
N ALA A 1237 12.18 -37.45 -6.24
CA ALA A 1237 12.59 -38.65 -6.97
C ALA A 1237 14.07 -38.92 -6.75
N THR A 1238 14.91 -37.94 -7.01
CA THR A 1238 16.33 -38.19 -6.79
C THR A 1238 16.58 -38.63 -5.37
N HIS A 1239 16.10 -37.87 -4.40
CA HIS A 1239 16.35 -38.22 -3.02
C HIS A 1239 15.91 -39.64 -2.71
N GLY A 1240 14.63 -39.93 -2.83
CA GLY A 1240 14.18 -41.28 -2.57
C GLY A 1240 15.04 -42.28 -3.28
N LEU A 1241 14.96 -42.33 -4.62
CA LEU A 1241 15.53 -43.44 -5.36
C LEU A 1241 17.05 -43.48 -5.40
N ILE A 1242 17.74 -42.49 -4.85
CA ILE A 1242 19.20 -42.56 -4.89
C ILE A 1242 19.81 -42.31 -3.52
N PHE A 1243 19.51 -41.17 -2.92
CA PHE A 1243 20.15 -40.86 -1.66
C PHE A 1243 19.62 -41.69 -0.51
N LEU A 1244 18.37 -42.04 -0.52
CA LEU A 1244 17.97 -42.99 0.51
C LEU A 1244 18.62 -44.37 0.41
N PRO A 1245 18.64 -44.94 -0.76
CA PRO A 1245 19.32 -46.21 -0.93
C PRO A 1245 20.72 -46.17 -0.34
N VAL A 1246 21.48 -45.17 -0.73
CA VAL A 1246 22.88 -45.11 -0.38
C VAL A 1246 23.04 -44.86 1.09
N LEU A 1247 22.30 -43.91 1.62
CA LEU A 1247 22.43 -43.62 3.04
C LEU A 1247 22.09 -44.83 3.89
N LEU A 1248 21.08 -45.59 3.48
CA LEU A 1248 20.75 -46.77 4.25
C LEU A 1248 21.84 -47.82 4.12
N SER A 1249 22.30 -48.06 2.90
CA SER A 1249 23.43 -48.94 2.70
C SER A 1249 24.55 -48.62 3.67
N TYR A 1250 24.78 -47.33 3.90
CA TYR A 1250 25.91 -46.98 4.75
C TYR A 1250 25.56 -47.17 6.21
N ILE A 1251 24.48 -46.55 6.67
CA ILE A 1251 24.16 -46.41 8.08
C ILE A 1251 22.74 -46.88 8.37
N GLY A 1252 22.27 -47.86 7.62
CA GLY A 1252 20.92 -48.35 7.74
C GLY A 1252 20.70 -49.30 8.90
N PRO A 1253 19.45 -49.44 9.34
CA PRO A 1253 19.16 -50.30 10.49
C PRO A 1253 19.33 -51.77 10.14
N SER A 1254 20.13 -52.45 10.96
CA SER A 1254 20.40 -53.86 10.76
C SER A 1254 19.20 -54.69 11.17
N VAL A 1255 19.22 -55.96 10.79
CA VAL A 1255 18.20 -56.91 11.17
C VAL A 1255 18.48 -58.23 10.49
#